data_3CNT
#
_entry.id   3CNT
#
_cell.length_a   161.858
_cell.length_b   102.413
_cell.length_c   77.204
_cell.angle_alpha   90.000
_cell.angle_beta   94.940
_cell.angle_gamma   90.000
#
_symmetry.space_group_name_H-M   'C 1 2 1'
#
loop_
_entity.id
_entity.type
_entity.pdbx_description
1 polymer fms1
2 non-polymer 'FLAVIN-ADENINE DINUCLEOTIDE'
3 non-polymer N-{(1R)-3-[(4-aminobutyl)amino]-1-methylpropyl}benzamide
4 water water
#
_entity_poly.entity_id   1
_entity_poly.type   'polypeptide(L)'
_entity_poly.pdbx_seq_one_letter_code
;MNTVSPAKKKVIIIGAGIAGLKAASTLHQNGIQDCLVLEARDRVGGRLQTVTGYQGRKYDIGASWHHDTLTNPLFLEEAQ
LSLNDGRTRFVFDDDNFIYIDEERGRVDHDKELLLEIVDNEMSKFAELEFHQHLGVSDCSFFQLVMKYLLQRRQFLTNDQ
IRYLPQLCRYLELWHGLDWKLLSAKDTYFGHQGRNAFALNYDSVVQRIAQSFPQNWLKLSCEVKSITREPSKNVTVNCED
GTVYNADYVIITVPQSVLNLSVQPEKNLRGRIEFQPPLKPVIQDAFDKIHFGALGKVIFEFEECCWSNESSKIVTLANST
NEFVEIVRNAENLDELDSMLEREDSQKHTSVTCWSQPLFFVNLSKSTGVASFMMLMQAPLTNHIESIREDKERLFSFFQP
VLNKIMKCLDSEDVIDGMRPIENIANANKPVLRNIIVSNWTRDPYSRGAYSACFPGDDPVDMVVAMSNGQDSRIRFAGEH
TIMDGAGCAYGAWESGRREATRISDLLKLEHHHHHH
;
_entity_poly.pdbx_strand_id   B,A
#
# COMPACT_ATOMS: atom_id res chain seq x y z
N LYS A 8 50.81 10.49 8.33
CA LYS A 8 50.68 11.95 8.56
C LYS A 8 49.21 12.40 8.52
N LYS A 9 48.35 11.58 7.94
CA LYS A 9 46.93 11.90 7.83
C LYS A 9 46.06 11.03 8.75
N LYS A 10 45.17 11.67 9.51
CA LYS A 10 44.28 10.94 10.41
C LYS A 10 43.42 9.94 9.65
N VAL A 11 42.53 10.46 8.81
CA VAL A 11 41.63 9.61 8.02
C VAL A 11 41.79 9.87 6.52
N ILE A 12 41.85 8.81 5.73
CA ILE A 12 41.93 8.94 4.28
C ILE A 12 40.66 8.37 3.66
N ILE A 13 39.81 9.27 3.15
CA ILE A 13 38.56 8.86 2.53
C ILE A 13 38.74 8.64 1.03
N ILE A 14 38.42 7.43 0.57
CA ILE A 14 38.54 7.08 -0.84
C ILE A 14 37.18 7.22 -1.54
N GLY A 15 37.07 8.24 -2.38
CA GLY A 15 35.84 8.50 -3.09
C GLY A 15 35.32 9.87 -2.69
N ALA A 16 34.91 10.67 -3.68
CA ALA A 16 34.42 11.99 -3.36
C ALA A 16 32.91 12.04 -3.55
N GLY A 17 32.28 10.88 -3.52
CA GLY A 17 30.84 10.81 -3.68
C GLY A 17 30.10 11.44 -2.50
N ILE A 18 28.80 11.16 -2.39
CA ILE A 18 28.01 11.69 -1.29
C ILE A 18 28.53 11.08 0.00
N ALA A 19 28.99 9.83 -0.07
CA ALA A 19 29.55 9.12 1.07
C ALA A 19 30.83 9.78 1.56
N GLY A 20 31.85 9.78 0.71
CA GLY A 20 33.12 10.40 1.07
C GLY A 20 32.96 11.86 1.49
N LEU A 21 32.09 12.60 0.82
CA LEU A 21 31.89 14.01 1.15
C LEU A 21 31.26 14.27 2.53
N LYS A 22 30.36 13.40 2.97
CA LYS A 22 29.74 13.59 4.28
C LYS A 22 30.69 12.98 5.30
N ALA A 23 31.32 11.87 4.92
CA ALA A 23 32.27 11.17 5.79
C ALA A 23 33.38 12.14 6.15
N ALA A 24 33.77 12.98 5.20
CA ALA A 24 34.81 13.97 5.47
C ALA A 24 34.17 15.12 6.24
N SER A 25 33.05 15.61 5.73
CA SER A 25 32.34 16.71 6.38
C SER A 25 32.22 16.40 7.87
N THR A 26 31.69 15.21 8.18
CA THR A 26 31.50 14.79 9.55
C THR A 26 32.80 14.78 10.34
N LEU A 27 33.85 14.17 9.79
CA LEU A 27 35.13 14.16 10.49
C LEU A 27 35.48 15.58 10.91
N HIS A 28 35.52 16.48 9.94
CA HIS A 28 35.83 17.87 10.21
C HIS A 28 34.87 18.51 11.23
N GLN A 29 33.58 18.22 11.12
CA GLN A 29 32.64 18.80 12.09
C GLN A 29 32.95 18.27 13.48
N ASN A 30 33.75 17.20 13.55
CA ASN A 30 34.13 16.61 14.83
C ASN A 30 35.51 17.08 15.31
N GLY A 31 36.07 18.06 14.60
CA GLY A 31 37.37 18.62 14.97
C GLY A 31 38.58 17.81 14.56
N ILE A 32 38.40 16.83 13.69
CA ILE A 32 39.52 16.01 13.23
C ILE A 32 40.30 16.73 12.12
N GLN A 33 41.62 16.68 12.24
CA GLN A 33 42.54 17.34 11.30
C GLN A 33 43.27 16.35 10.37
N ASP A 34 44.14 16.90 9.53
CA ASP A 34 44.94 16.11 8.60
C ASP A 34 44.18 14.98 7.90
N CYS A 35 43.30 15.34 6.96
CA CYS A 35 42.52 14.33 6.24
C CYS A 35 42.59 14.47 4.72
N LEU A 36 42.52 13.32 4.06
CA LEU A 36 42.56 13.25 2.60
C LEU A 36 41.30 12.64 2.00
N VAL A 37 40.87 13.21 0.87
CA VAL A 37 39.70 12.72 0.16
C VAL A 37 40.24 12.46 -1.25
N LEU A 38 40.44 11.20 -1.60
CA LEU A 38 41.01 10.86 -2.91
C LEU A 38 40.03 10.41 -3.99
N GLU A 39 39.71 11.32 -4.91
CA GLU A 39 38.77 11.01 -5.99
C GLU A 39 39.48 10.64 -7.29
N ALA A 40 38.91 9.67 -8.01
CA ALA A 40 39.48 9.25 -9.28
C ALA A 40 39.16 10.25 -10.40
N ARG A 41 37.95 10.80 -10.39
CA ARG A 41 37.50 11.78 -11.38
C ARG A 41 38.03 13.17 -11.09
N ASP A 42 37.77 14.08 -12.01
CA ASP A 42 38.20 15.46 -11.90
C ASP A 42 37.14 16.24 -11.13
N ARG A 43 36.16 15.54 -10.60
CA ARG A 43 35.10 16.24 -9.88
C ARG A 43 34.59 15.38 -8.75
N VAL A 44 33.84 16.00 -7.84
CA VAL A 44 33.27 15.26 -6.73
C VAL A 44 31.89 14.77 -7.17
N GLY A 45 30.95 14.68 -6.24
CA GLY A 45 29.60 14.27 -6.57
C GLY A 45 29.38 12.81 -6.93
N GLY A 46 30.37 12.17 -7.56
CA GLY A 46 30.23 10.78 -7.93
C GLY A 46 28.98 10.56 -8.78
N ARG A 47 28.08 9.69 -8.35
CA ARG A 47 26.86 9.43 -9.10
C ARG A 47 25.85 10.52 -8.89
N LEU A 48 26.33 11.66 -8.40
CA LEU A 48 25.49 12.83 -8.22
C LEU A 48 26.19 13.82 -9.13
N GLN A 49 25.63 14.00 -10.32
CA GLN A 49 26.21 14.91 -11.30
C GLN A 49 25.13 15.73 -11.96
N THR A 50 25.32 17.03 -11.95
CA THR A 50 24.36 17.91 -12.59
C THR A 50 25.06 18.32 -13.87
N VAL A 51 24.30 18.50 -14.93
CA VAL A 51 24.89 18.89 -16.20
C VAL A 51 24.01 19.96 -16.81
N THR A 52 24.62 20.78 -17.66
CA THR A 52 23.88 21.84 -18.31
C THR A 52 23.62 21.47 -19.77
N GLY A 53 22.48 21.90 -20.29
CA GLY A 53 22.15 21.60 -21.67
C GLY A 53 21.69 22.89 -22.34
N TYR A 54 20.68 22.77 -23.18
CA TYR A 54 20.11 23.92 -23.89
C TYR A 54 19.78 25.09 -22.95
N GLN A 55 19.82 26.30 -23.49
CA GLN A 55 19.56 27.54 -22.74
C GLN A 55 20.03 27.53 -21.31
N GLY A 56 21.09 26.77 -21.01
CA GLY A 56 21.63 26.75 -19.67
C GLY A 56 20.90 25.98 -18.59
N ARG A 57 19.94 25.13 -18.99
CA ARG A 57 19.20 24.33 -18.03
C ARG A 57 20.13 23.32 -17.34
N LYS A 58 19.78 22.97 -16.10
CA LYS A 58 20.57 21.99 -15.36
C LYS A 58 19.66 20.79 -15.09
N TYR A 59 20.21 19.58 -15.18
CA TYR A 59 19.47 18.35 -14.92
C TYR A 59 20.31 17.36 -14.13
N ASP A 60 19.71 16.68 -13.16
CA ASP A 60 20.46 15.70 -12.39
C ASP A 60 20.56 14.39 -13.19
N ILE A 61 21.56 14.28 -14.03
CA ILE A 61 21.75 13.08 -14.85
C ILE A 61 22.00 11.84 -13.99
N GLY A 62 22.24 12.06 -12.70
CA GLY A 62 22.47 10.96 -11.77
C GLY A 62 21.27 10.92 -10.84
N ALA A 63 21.49 11.06 -9.52
CA ALA A 63 20.38 11.07 -8.58
C ALA A 63 19.54 12.29 -8.88
N SER A 64 18.30 12.30 -8.42
CA SER A 64 17.44 13.43 -8.65
C SER A 64 16.33 13.52 -7.61
N TRP A 65 16.06 12.41 -6.94
CA TRP A 65 15.00 12.39 -5.94
C TRP A 65 15.39 12.12 -4.49
N HIS A 66 14.59 12.70 -3.61
CA HIS A 66 14.74 12.50 -2.18
C HIS A 66 13.66 11.45 -1.91
N HIS A 67 14.10 10.23 -1.64
CA HIS A 67 13.19 9.12 -1.37
C HIS A 67 12.93 8.97 0.10
N ASP A 68 11.75 8.47 0.44
CA ASP A 68 11.41 8.24 1.84
C ASP A 68 11.52 9.52 2.64
N THR A 69 10.89 10.59 2.16
CA THR A 69 10.95 11.87 2.84
C THR A 69 10.35 11.91 4.24
N LEU A 70 10.06 10.75 4.81
CA LEU A 70 9.51 10.69 6.15
C LEU A 70 10.62 10.26 7.09
N THR A 71 11.60 9.56 6.55
CA THR A 71 12.71 9.08 7.36
C THR A 71 14.08 9.46 6.78
N ASN A 72 14.09 9.99 5.56
CA ASN A 72 15.32 10.39 4.89
C ASN A 72 16.06 11.47 5.70
N PRO A 73 17.10 11.07 6.43
CA PRO A 73 17.86 12.05 7.23
C PRO A 73 18.31 13.28 6.43
N LEU A 74 18.97 13.03 5.30
CA LEU A 74 19.46 14.10 4.43
C LEU A 74 18.31 15.05 4.04
N PHE A 75 17.19 14.48 3.61
CA PHE A 75 16.07 15.31 3.22
C PHE A 75 15.66 16.28 4.34
N LEU A 76 15.66 15.78 5.57
CA LEU A 76 15.27 16.61 6.70
C LEU A 76 16.20 17.80 6.76
N GLU A 77 17.50 17.50 6.74
CA GLU A 77 18.54 18.51 6.77
C GLU A 77 18.27 19.61 5.72
N GLU A 78 17.87 19.17 4.52
CA GLU A 78 17.59 20.07 3.42
C GLU A 78 16.37 20.95 3.64
N ALA A 79 15.34 20.37 4.23
CA ALA A 79 14.09 21.09 4.50
C ALA A 79 14.36 22.07 5.62
N GLN A 80 15.31 21.72 6.50
CA GLN A 80 15.71 22.57 7.62
C GLN A 80 16.10 23.91 7.04
N LEU A 81 17.12 23.87 6.19
CA LEU A 81 17.63 25.05 5.55
C LEU A 81 16.49 25.79 4.87
N SER A 82 15.63 25.06 4.16
CA SER A 82 14.52 25.70 3.47
C SER A 82 13.61 26.48 4.42
N LEU A 83 13.26 25.88 5.55
CA LEU A 83 12.41 26.54 6.54
C LEU A 83 13.19 27.77 7.05
N ASN A 84 14.50 27.58 7.25
CA ASN A 84 15.41 28.63 7.72
C ASN A 84 15.46 29.82 6.76
N ASP A 85 16.13 29.60 5.63
CA ASP A 85 16.36 30.62 4.60
C ASP A 85 15.39 30.71 3.42
N GLY A 86 14.20 30.17 3.59
CA GLY A 86 13.19 30.22 2.53
C GLY A 86 13.55 29.93 1.08
N ARG A 87 14.72 29.35 0.82
CA ARG A 87 15.08 29.05 -0.55
C ARG A 87 14.35 27.80 -1.00
N THR A 88 14.37 27.53 -2.31
CA THR A 88 13.72 26.34 -2.87
C THR A 88 14.76 25.30 -3.23
N ARG A 89 14.87 24.25 -2.43
CA ARG A 89 15.85 23.20 -2.68
C ARG A 89 15.25 21.90 -3.24
N PHE A 90 13.92 21.90 -3.44
CA PHE A 90 13.24 20.71 -3.94
C PHE A 90 11.74 20.94 -4.14
N VAL A 91 11.11 20.05 -4.89
CA VAL A 91 9.67 20.13 -5.15
C VAL A 91 9.05 18.74 -5.13
N PHE A 92 8.01 18.55 -4.32
CA PHE A 92 7.34 17.25 -4.26
C PHE A 92 6.60 17.05 -5.56
N ASP A 93 7.08 16.15 -6.41
CA ASP A 93 6.42 15.95 -7.69
C ASP A 93 5.62 14.68 -7.85
N ASP A 94 5.40 13.92 -6.78
CA ASP A 94 4.60 12.72 -6.90
C ASP A 94 3.29 13.16 -7.51
N ASP A 95 2.96 12.57 -8.64
CA ASP A 95 1.75 12.93 -9.35
C ASP A 95 1.07 11.65 -9.82
N ASN A 96 -0.19 11.77 -10.21
CA ASN A 96 -0.96 10.64 -10.70
C ASN A 96 -0.36 10.24 -12.03
N PHE A 97 0.25 9.07 -12.06
CA PHE A 97 0.88 8.55 -13.26
C PHE A 97 -0.06 8.43 -14.46
N ILE A 98 0.45 8.83 -15.61
CA ILE A 98 -0.30 8.75 -16.85
C ILE A 98 0.34 7.62 -17.65
N TYR A 99 -0.42 6.55 -17.86
CA TYR A 99 0.08 5.40 -18.59
C TYR A 99 -0.39 5.45 -20.03
N ILE A 100 0.56 5.28 -20.95
CA ILE A 100 0.27 5.35 -22.38
C ILE A 100 0.69 4.11 -23.17
N ASP A 101 -0.27 3.49 -23.87
CA ASP A 101 -0.01 2.32 -24.70
C ASP A 101 0.00 2.88 -26.12
N GLU A 102 0.81 2.30 -27.00
CA GLU A 102 0.91 2.81 -28.36
C GLU A 102 -0.42 2.82 -29.07
N GLU A 103 -0.99 1.63 -29.18
CA GLU A 103 -2.26 1.43 -29.85
C GLU A 103 -3.41 2.12 -29.15
N ARG A 104 -3.63 1.77 -27.89
CA ARG A 104 -4.75 2.33 -27.14
C ARG A 104 -4.65 3.77 -26.65
N GLY A 105 -3.46 4.22 -26.28
CA GLY A 105 -3.34 5.58 -25.79
C GLY A 105 -3.28 5.56 -24.28
N ARG A 106 -4.00 6.47 -23.62
CA ARG A 106 -3.99 6.47 -22.16
C ARG A 106 -4.80 5.29 -21.62
N VAL A 107 -4.34 4.74 -20.48
CA VAL A 107 -5.01 3.60 -19.85
C VAL A 107 -4.99 3.79 -18.32
N ASP A 108 -4.59 4.98 -17.90
CA ASP A 108 -4.51 5.30 -16.48
C ASP A 108 -5.86 5.79 -15.98
N HIS A 109 -6.18 5.48 -14.73
CA HIS A 109 -7.44 5.91 -14.12
C HIS A 109 -8.64 5.64 -15.04
N ASP A 110 -8.66 4.46 -15.66
CA ASP A 110 -9.72 4.06 -16.59
C ASP A 110 -10.91 3.40 -15.89
N LYS A 111 -12.08 3.99 -16.05
CA LYS A 111 -13.28 3.47 -15.41
C LYS A 111 -13.49 1.97 -15.59
N GLU A 112 -13.02 1.40 -16.70
CA GLU A 112 -13.22 -0.02 -16.94
C GLU A 112 -11.97 -0.88 -16.85
N LEU A 113 -10.81 -0.35 -17.19
CA LEU A 113 -9.57 -1.13 -17.12
C LEU A 113 -9.07 -1.23 -15.68
N LEU A 114 -9.24 -0.13 -14.95
CA LEU A 114 -8.86 -0.03 -13.54
C LEU A 114 -7.50 -0.64 -13.28
N LEU A 115 -6.57 -0.43 -14.19
CA LEU A 115 -5.25 -1.03 -14.03
C LEU A 115 -4.61 -0.76 -12.68
N GLU A 116 -4.63 0.49 -12.22
CA GLU A 116 -4.01 0.80 -10.92
C GLU A 116 -4.50 -0.09 -9.77
N ILE A 117 -5.80 -0.37 -9.75
CA ILE A 117 -6.38 -1.22 -8.70
C ILE A 117 -5.86 -2.66 -8.67
N VAL A 118 -5.74 -3.26 -9.85
CA VAL A 118 -5.26 -4.62 -9.98
C VAL A 118 -3.75 -4.66 -9.84
N ASP A 119 -3.09 -3.53 -10.12
CA ASP A 119 -1.64 -3.48 -9.97
C ASP A 119 -1.39 -3.56 -8.46
N ASN A 120 -2.33 -3.01 -7.70
CA ASN A 120 -2.24 -3.02 -6.26
C ASN A 120 -2.45 -4.44 -5.69
N GLU A 121 -3.38 -5.20 -6.28
CA GLU A 121 -3.64 -6.58 -5.83
C GLU A 121 -2.36 -7.37 -6.12
N MET A 122 -1.76 -7.06 -7.26
CA MET A 122 -0.51 -7.66 -7.73
C MET A 122 0.54 -7.51 -6.63
N SER A 123 0.66 -6.30 -6.08
CA SER A 123 1.61 -6.04 -5.02
C SER A 123 1.30 -6.96 -3.85
N LYS A 124 0.08 -6.85 -3.32
CA LYS A 124 -0.30 -7.69 -2.22
C LYS A 124 -0.07 -9.14 -2.54
N PHE A 125 -0.30 -9.50 -3.79
CA PHE A 125 -0.06 -10.88 -4.21
C PHE A 125 1.40 -11.26 -4.02
N ALA A 126 2.30 -10.35 -4.39
CA ALA A 126 3.73 -10.61 -4.26
C ALA A 126 4.11 -10.67 -2.79
N GLU A 127 3.60 -9.73 -2.01
CA GLU A 127 3.89 -9.67 -0.59
C GLU A 127 3.57 -11.01 0.05
N LEU A 128 2.41 -11.56 -0.29
CA LEU A 128 2.00 -12.84 0.25
C LEU A 128 2.93 -13.96 -0.26
N GLU A 129 3.16 -13.98 -1.57
CA GLU A 129 4.00 -14.99 -2.17
C GLU A 129 5.31 -15.16 -1.42
N PHE A 130 5.78 -14.08 -0.81
CA PHE A 130 7.06 -14.14 -0.12
C PHE A 130 7.02 -14.08 1.41
N HIS A 131 5.89 -13.70 1.98
CA HIS A 131 5.79 -13.65 3.43
C HIS A 131 6.26 -15.00 3.95
N GLN A 132 7.28 -14.96 4.82
CA GLN A 132 7.81 -16.18 5.38
C GLN A 132 8.17 -17.23 4.33
N HIS A 133 9.26 -17.00 3.62
CA HIS A 133 9.72 -17.93 2.59
C HIS A 133 11.21 -18.23 2.77
N LEU A 134 11.55 -19.51 2.65
CA LEU A 134 12.95 -19.92 2.81
C LEU A 134 13.87 -19.16 1.88
N CYS A 139 13.03 -16.94 -8.81
CA CYS A 139 11.85 -16.38 -9.46
C CYS A 139 12.10 -14.94 -9.89
N SER A 140 11.66 -14.58 -11.09
CA SER A 140 11.84 -13.22 -11.62
C SER A 140 10.55 -12.44 -11.52
N PHE A 141 10.65 -11.12 -11.54
CA PHE A 141 9.48 -10.26 -11.47
C PHE A 141 8.53 -10.68 -12.57
N PHE A 142 9.08 -11.15 -13.68
CA PHE A 142 8.26 -11.63 -14.78
C PHE A 142 7.53 -12.90 -14.36
N GLN A 143 8.27 -13.86 -13.80
CA GLN A 143 7.67 -15.12 -13.36
C GLN A 143 6.48 -14.83 -12.44
N LEU A 144 6.68 -13.89 -11.52
CA LEU A 144 5.66 -13.49 -10.57
C LEU A 144 4.42 -12.91 -11.25
N VAL A 145 4.59 -11.97 -12.17
CA VAL A 145 3.42 -11.41 -12.83
C VAL A 145 2.68 -12.56 -13.51
N MET A 146 3.42 -13.47 -14.13
CA MET A 146 2.78 -14.61 -14.80
C MET A 146 2.04 -15.47 -13.78
N LYS A 147 2.64 -15.69 -12.61
CA LYS A 147 1.95 -16.49 -11.60
C LYS A 147 0.61 -15.84 -11.26
N TYR A 148 0.67 -14.57 -10.87
CA TYR A 148 -0.51 -13.83 -10.51
C TYR A 148 -1.57 -13.93 -11.61
N LEU A 149 -1.18 -13.61 -12.85
CA LEU A 149 -2.12 -13.66 -13.97
C LEU A 149 -2.82 -15.00 -14.11
N LEU A 150 -2.06 -16.08 -13.99
CA LEU A 150 -2.63 -17.41 -14.13
C LEU A 150 -3.54 -17.69 -12.95
N GLN A 151 -3.07 -17.36 -11.75
CA GLN A 151 -3.82 -17.59 -10.53
C GLN A 151 -5.12 -16.82 -10.43
N ARG A 152 -5.11 -15.56 -10.86
CA ARG A 152 -6.29 -14.73 -10.75
C ARG A 152 -7.07 -14.49 -12.04
N ARG A 153 -6.58 -15.02 -13.15
CA ARG A 153 -7.25 -14.82 -14.43
C ARG A 153 -8.76 -14.88 -14.33
N GLN A 154 -9.27 -15.68 -13.39
CA GLN A 154 -10.72 -15.81 -13.23
C GLN A 154 -11.39 -14.51 -12.81
N PHE A 155 -10.62 -13.57 -12.27
CA PHE A 155 -11.21 -12.33 -11.81
C PHE A 155 -10.61 -11.14 -12.53
N LEU A 156 -10.04 -11.41 -13.70
CA LEU A 156 -9.43 -10.38 -14.53
C LEU A 156 -10.07 -10.39 -15.91
N THR A 157 -10.30 -9.20 -16.47
CA THR A 157 -10.88 -9.09 -17.80
C THR A 157 -9.75 -9.38 -18.78
N ASN A 158 -10.09 -9.50 -20.05
CA ASN A 158 -9.06 -9.76 -21.06
C ASN A 158 -8.11 -8.57 -21.12
N ASP A 159 -8.70 -7.36 -21.15
CA ASP A 159 -7.90 -6.16 -21.24
C ASP A 159 -7.01 -5.96 -20.01
N GLN A 160 -7.53 -6.28 -18.84
CA GLN A 160 -6.72 -6.14 -17.65
C GLN A 160 -5.51 -7.08 -17.79
N ILE A 161 -5.77 -8.34 -18.15
CA ILE A 161 -4.71 -9.32 -18.31
C ILE A 161 -3.68 -8.84 -19.33
N ARG A 162 -4.17 -8.26 -20.42
CA ARG A 162 -3.30 -7.78 -21.47
C ARG A 162 -2.35 -6.67 -21.06
N TYR A 163 -2.94 -5.56 -20.63
CA TYR A 163 -2.19 -4.39 -20.23
C TYR A 163 -1.51 -4.37 -18.86
N LEU A 164 -2.20 -4.85 -17.82
CA LEU A 164 -1.66 -4.82 -16.45
C LEU A 164 -0.18 -5.16 -16.40
N PRO A 165 0.21 -6.37 -16.83
CA PRO A 165 1.63 -6.75 -16.80
C PRO A 165 2.58 -5.70 -17.38
N GLN A 166 2.16 -5.02 -18.44
CA GLN A 166 2.99 -3.99 -19.06
C GLN A 166 3.06 -2.74 -18.21
N LEU A 167 1.98 -2.45 -17.49
CA LEU A 167 1.93 -1.27 -16.63
C LEU A 167 2.78 -1.47 -15.38
N CYS A 168 2.58 -2.60 -14.72
CA CYS A 168 3.30 -2.91 -13.49
C CYS A 168 4.82 -2.92 -13.68
N ARG A 169 5.26 -3.02 -14.93
CA ARG A 169 6.68 -3.03 -15.21
C ARG A 169 7.31 -1.66 -15.04
N TYR A 170 6.53 -0.66 -14.65
CA TYR A 170 7.11 0.66 -14.42
C TYR A 170 8.18 0.44 -13.35
N LEU A 171 8.00 -0.64 -12.59
CA LEU A 171 8.91 -1.02 -11.52
C LEU A 171 10.32 -1.25 -12.04
N GLU A 172 10.44 -1.51 -13.33
CA GLU A 172 11.74 -1.75 -13.95
C GLU A 172 12.58 -0.50 -13.77
N LEU A 173 11.92 0.65 -13.72
CA LEU A 173 12.64 1.90 -13.58
C LEU A 173 12.92 2.26 -12.12
N TRP A 174 12.79 1.29 -11.23
CA TRP A 174 13.08 1.51 -9.82
C TRP A 174 14.34 0.70 -9.57
N HIS A 175 14.49 -0.33 -10.37
CA HIS A 175 15.62 -1.24 -10.23
C HIS A 175 16.60 -1.20 -11.39
N GLY A 176 16.23 -0.55 -12.49
CA GLY A 176 17.13 -0.47 -13.62
C GLY A 176 17.30 -1.80 -14.33
N LEU A 177 16.34 -2.70 -14.14
CA LEU A 177 16.40 -4.01 -14.75
C LEU A 177 15.06 -4.43 -15.33
N ASP A 178 15.15 -5.21 -16.41
CA ASP A 178 13.99 -5.75 -17.10
C ASP A 178 13.31 -6.70 -16.13
N TRP A 179 12.05 -7.02 -16.39
CA TRP A 179 11.32 -7.91 -15.52
C TRP A 179 11.67 -9.38 -15.67
N LYS A 180 12.67 -9.67 -16.47
CA LYS A 180 13.09 -11.06 -16.64
C LYS A 180 14.47 -11.23 -16.03
N LEU A 181 15.06 -10.14 -15.56
CA LEU A 181 16.39 -10.20 -14.95
C LEU A 181 16.37 -9.69 -13.52
N LEU A 182 15.22 -9.19 -13.09
CA LEU A 182 15.03 -8.64 -11.75
C LEU A 182 14.46 -9.71 -10.83
N SER A 183 14.93 -9.75 -9.59
CA SER A 183 14.44 -10.74 -8.62
C SER A 183 13.08 -10.32 -8.06
N ALA A 184 12.13 -11.27 -8.09
CA ALA A 184 10.78 -11.01 -7.60
C ALA A 184 10.76 -10.63 -6.12
N LYS A 185 11.52 -11.36 -5.32
CA LYS A 185 11.56 -11.11 -3.88
C LYS A 185 12.01 -9.69 -3.53
N ASP A 186 12.56 -8.96 -4.50
CA ASP A 186 13.02 -7.61 -4.24
C ASP A 186 12.33 -6.54 -5.09
N THR A 187 11.44 -6.99 -5.97
CA THR A 187 10.71 -6.10 -6.86
C THR A 187 9.86 -5.07 -6.13
N TYR A 188 8.95 -5.56 -5.31
CA TYR A 188 8.00 -4.73 -4.59
C TYR A 188 8.37 -4.16 -3.23
N PHE A 189 9.47 -3.42 -3.11
CA PHE A 189 9.76 -2.87 -1.79
C PHE A 189 8.72 -1.81 -1.51
N GLY A 190 8.81 -1.17 -0.36
CA GLY A 190 7.83 -0.14 -0.03
C GLY A 190 8.45 1.20 0.25
N HIS A 191 7.83 2.26 -0.26
CA HIS A 191 8.37 3.60 -0.05
C HIS A 191 7.82 4.25 1.22
N GLN A 192 8.71 4.84 2.00
CA GLN A 192 8.32 5.49 3.22
C GLN A 192 8.03 6.97 3.02
N GLY A 193 6.90 7.27 2.41
CA GLY A 193 6.52 8.66 2.18
C GLY A 193 6.72 9.14 0.75
N ARG A 194 6.25 10.35 0.48
CA ARG A 194 6.40 10.94 -0.84
C ARG A 194 7.84 11.20 -1.25
N ASN A 195 8.03 11.54 -2.52
CA ASN A 195 9.35 11.82 -3.05
C ASN A 195 9.59 13.30 -3.23
N ALA A 196 10.85 13.71 -3.16
CA ALA A 196 11.18 15.11 -3.30
C ALA A 196 12.16 15.32 -4.42
N PHE A 197 11.70 15.89 -5.52
CA PHE A 197 12.57 16.16 -6.66
C PHE A 197 13.58 17.23 -6.26
N ALA A 198 14.83 16.82 -6.06
CA ALA A 198 15.88 17.75 -5.66
C ALA A 198 16.18 18.76 -6.75
N LEU A 199 15.94 20.04 -6.47
CA LEU A 199 16.21 21.06 -7.46
C LEU A 199 17.71 21.31 -7.47
N ASN A 200 18.39 20.42 -8.20
CA ASN A 200 19.82 20.46 -8.30
C ASN A 200 20.32 19.66 -7.11
N TYR A 201 20.74 18.43 -7.37
CA TYR A 201 21.28 17.59 -6.31
C TYR A 201 22.72 18.05 -6.09
N ASP A 202 23.21 18.91 -7.00
CA ASP A 202 24.57 19.42 -6.92
C ASP A 202 24.69 20.50 -5.85
N SER A 203 23.58 21.18 -5.58
CA SER A 203 23.53 22.22 -4.56
C SER A 203 23.80 21.50 -3.26
N VAL A 204 23.45 20.22 -3.23
CA VAL A 204 23.64 19.39 -2.05
C VAL A 204 25.10 18.96 -2.02
N VAL A 205 25.62 18.50 -3.15
CA VAL A 205 27.02 18.09 -3.19
C VAL A 205 27.92 19.22 -2.72
N GLN A 206 27.63 20.44 -3.18
CA GLN A 206 28.41 21.62 -2.84
C GLN A 206 28.37 22.02 -1.37
N ARG A 207 27.20 21.97 -0.74
CA ARG A 207 27.13 22.34 0.67
C ARG A 207 28.02 21.39 1.48
N ILE A 208 27.83 20.10 1.30
CA ILE A 208 28.64 19.13 2.03
C ILE A 208 30.08 19.38 1.64
N ALA A 209 30.33 19.37 0.33
CA ALA A 209 31.66 19.59 -0.20
C ALA A 209 32.42 20.72 0.51
N GLN A 210 31.74 21.86 0.69
CA GLN A 210 32.31 23.06 1.33
C GLN A 210 32.40 23.04 2.86
N SER A 211 31.82 22.03 3.50
CA SER A 211 31.84 21.95 4.96
C SER A 211 33.15 21.47 5.58
N PHE A 212 34.09 21.02 4.75
CA PHE A 212 35.39 20.60 5.25
C PHE A 212 36.45 21.35 4.43
N PRO A 213 37.66 21.52 4.97
CA PRO A 213 38.75 22.23 4.29
C PRO A 213 39.06 21.76 2.86
N GLN A 214 38.85 22.64 1.90
CA GLN A 214 39.08 22.32 0.51
C GLN A 214 40.42 21.63 0.26
N ASN A 215 41.46 22.03 0.98
CA ASN A 215 42.80 21.44 0.81
C ASN A 215 42.92 19.99 1.27
N TRP A 216 41.76 19.35 1.45
CA TRP A 216 41.68 17.95 1.88
C TRP A 216 41.46 17.04 0.66
N LEU A 217 40.86 17.62 -0.37
CA LEU A 217 40.51 16.90 -1.59
C LEU A 217 41.65 16.73 -2.59
N LYS A 218 41.80 15.53 -3.12
CA LYS A 218 42.82 15.23 -4.11
C LYS A 218 42.18 14.61 -5.35
N LEU A 219 41.52 15.44 -6.14
CA LEU A 219 40.86 14.98 -7.37
C LEU A 219 41.88 14.39 -8.33
N SER A 220 41.42 13.45 -9.15
CA SER A 220 42.26 12.78 -10.14
C SER A 220 43.27 11.85 -9.48
N CYS A 221 42.80 11.12 -8.47
CA CYS A 221 43.63 10.18 -7.73
C CYS A 221 43.00 8.80 -7.91
N GLU A 222 43.44 8.05 -8.91
CA GLU A 222 42.85 6.74 -9.09
C GLU A 222 43.52 5.77 -8.14
N VAL A 223 43.04 5.71 -6.90
CA VAL A 223 43.60 4.80 -5.90
C VAL A 223 43.54 3.39 -6.50
N LYS A 224 44.71 2.80 -6.78
CA LYS A 224 44.74 1.47 -7.37
C LYS A 224 45.32 0.39 -6.46
N SER A 225 45.41 0.70 -5.17
CA SER A 225 45.94 -0.25 -4.19
C SER A 225 45.80 0.24 -2.76
N ILE A 226 45.26 -0.61 -1.89
CA ILE A 226 45.10 -0.28 -0.48
C ILE A 226 45.85 -1.33 0.31
N THR A 227 46.76 -0.87 1.16
CA THR A 227 47.57 -1.77 1.98
C THR A 227 47.56 -1.34 3.44
N ARG A 228 47.51 -2.33 4.33
CA ARG A 228 47.52 -2.05 5.75
C ARG A 228 48.83 -2.60 6.30
N GLU A 229 49.80 -1.71 6.50
CA GLU A 229 51.08 -2.13 7.04
C GLU A 229 50.92 -2.75 8.41
N PRO A 230 51.76 -3.73 8.77
CA PRO A 230 51.63 -4.36 10.10
C PRO A 230 51.55 -3.33 11.24
N SER A 231 52.49 -2.38 11.24
CA SER A 231 52.55 -1.34 12.27
C SER A 231 51.36 -0.36 12.29
N LYS A 232 50.16 -0.91 12.46
CA LYS A 232 48.93 -0.13 12.54
C LYS A 232 48.70 1.09 11.64
N ASN A 233 49.32 1.12 10.47
CA ASN A 233 49.16 2.24 9.55
C ASN A 233 48.53 1.78 8.24
N VAL A 234 47.68 2.63 7.67
CA VAL A 234 47.04 2.31 6.40
C VAL A 234 47.67 3.18 5.33
N THR A 235 48.30 2.56 4.34
CA THR A 235 48.93 3.31 3.24
C THR A 235 48.34 2.93 1.88
N VAL A 236 47.92 3.94 1.13
CA VAL A 236 47.34 3.74 -0.19
C VAL A 236 48.06 4.56 -1.25
N ASN A 237 48.08 4.05 -2.48
CA ASN A 237 48.74 4.71 -3.60
C ASN A 237 47.82 4.92 -4.80
N CYS A 238 47.87 6.13 -5.37
CA CYS A 238 47.06 6.44 -6.53
C CYS A 238 47.84 6.13 -7.81
N GLU A 239 47.12 5.65 -8.82
CA GLU A 239 47.67 5.27 -10.12
C GLU A 239 49.01 5.92 -10.52
N ASP A 240 48.99 7.23 -10.73
CA ASP A 240 50.20 7.95 -11.13
C ASP A 240 51.39 7.72 -10.19
N GLY A 241 51.20 7.95 -8.89
CA GLY A 241 52.30 7.74 -7.95
C GLY A 241 52.00 8.06 -6.49
N THR A 242 51.76 9.34 -6.22
CA THR A 242 51.46 9.84 -4.86
C THR A 242 50.96 8.83 -3.81
N VAL A 243 51.83 8.51 -2.86
CA VAL A 243 51.50 7.57 -1.77
C VAL A 243 51.05 8.37 -0.56
N TYR A 244 50.11 7.82 0.21
CA TYR A 244 49.63 8.50 1.41
C TYR A 244 49.45 7.48 2.53
N ASN A 245 49.37 7.97 3.77
CA ASN A 245 49.20 7.10 4.93
C ASN A 245 48.21 7.71 5.93
N ALA A 246 47.42 6.85 6.57
CA ALA A 246 46.43 7.29 7.53
C ALA A 246 46.13 6.25 8.61
N ASP A 247 45.48 6.71 9.67
CA ASP A 247 45.11 5.84 10.79
C ASP A 247 43.94 4.94 10.34
N TYR A 248 42.93 5.56 9.74
CA TYR A 248 41.76 4.85 9.25
C TYR A 248 41.56 5.24 7.79
N VAL A 249 40.80 4.43 7.06
CA VAL A 249 40.53 4.69 5.65
C VAL A 249 39.11 4.30 5.24
N ILE A 250 38.27 5.31 5.00
CA ILE A 250 36.89 5.10 4.59
C ILE A 250 36.80 4.95 3.05
N ILE A 251 36.62 3.71 2.58
CA ILE A 251 36.53 3.39 1.15
C ILE A 251 35.08 3.51 0.64
N THR A 252 34.78 4.60 -0.05
CA THR A 252 33.43 4.82 -0.56
C THR A 252 33.25 4.52 -2.04
N VAL A 253 34.19 3.82 -2.67
CA VAL A 253 34.04 3.51 -4.10
C VAL A 253 32.83 2.61 -4.25
N PRO A 254 32.03 2.79 -5.32
CA PRO A 254 30.85 1.96 -5.51
C PRO A 254 31.16 0.47 -5.53
N GLN A 255 30.10 -0.31 -5.33
CA GLN A 255 30.20 -1.76 -5.31
C GLN A 255 30.82 -2.31 -6.60
N SER A 256 30.19 -1.98 -7.71
CA SER A 256 30.62 -2.40 -9.05
C SER A 256 32.14 -2.39 -9.26
N VAL A 257 32.77 -1.33 -8.76
CA VAL A 257 34.20 -1.17 -8.88
C VAL A 257 34.91 -2.09 -7.88
N LEU A 258 34.43 -2.06 -6.64
CA LEU A 258 35.01 -2.89 -5.59
C LEU A 258 34.88 -4.37 -5.96
N ASN A 259 33.96 -4.69 -6.87
CA ASN A 259 33.78 -6.07 -7.30
C ASN A 259 34.86 -6.50 -8.28
N LEU A 260 35.65 -5.54 -8.74
CA LEU A 260 36.73 -5.85 -9.67
C LEU A 260 37.95 -6.21 -8.86
N SER A 261 37.87 -5.97 -7.55
CA SER A 261 38.96 -6.28 -6.65
C SER A 261 39.10 -7.80 -6.50
N VAL A 262 38.28 -8.54 -7.22
CA VAL A 262 38.32 -9.99 -7.16
C VAL A 262 38.50 -10.60 -8.55
N GLN A 263 39.42 -10.06 -9.33
CA GLN A 263 39.66 -10.57 -10.66
C GLN A 263 41.13 -10.56 -11.06
N PRO A 264 41.42 -11.10 -12.24
CA PRO A 264 42.78 -11.14 -12.73
C PRO A 264 43.11 -9.87 -13.48
N GLU A 265 44.31 -9.79 -14.05
CA GLU A 265 44.70 -8.58 -14.76
C GLU A 265 44.39 -7.38 -13.89
N LYS A 266 44.91 -7.42 -12.67
CA LYS A 266 44.68 -6.34 -11.72
C LYS A 266 45.08 -4.95 -12.19
N ASN A 267 44.32 -4.41 -13.13
CA ASN A 267 44.61 -3.08 -13.66
C ASN A 267 43.31 -2.38 -14.00
N LEU A 268 42.32 -3.15 -14.46
CA LEU A 268 41.01 -2.62 -14.82
C LEU A 268 40.76 -1.28 -14.14
N ARG A 269 40.53 -0.25 -14.93
CA ARG A 269 40.32 1.08 -14.40
C ARG A 269 39.55 1.07 -13.09
N GLY A 270 39.96 1.93 -12.16
CA GLY A 270 39.28 2.03 -10.88
C GLY A 270 39.47 0.87 -9.92
N ARG A 271 39.93 -0.27 -10.43
CA ARG A 271 40.14 -1.47 -9.61
C ARG A 271 41.20 -1.34 -8.52
N ILE A 272 40.76 -1.38 -7.26
CA ILE A 272 41.65 -1.27 -6.11
C ILE A 272 42.10 -2.66 -5.67
N GLU A 273 43.40 -2.81 -5.42
CA GLU A 273 43.91 -4.11 -4.97
C GLU A 273 44.44 -3.99 -3.54
N PHE A 274 43.78 -4.71 -2.64
CA PHE A 274 44.11 -4.71 -1.21
C PHE A 274 45.07 -5.84 -0.84
N GLN A 275 45.82 -5.64 0.25
CA GLN A 275 46.76 -6.65 0.71
C GLN A 275 46.88 -6.67 2.23
N PRO A 276 46.48 -7.80 2.86
CA PRO A 276 45.94 -8.96 2.17
C PRO A 276 44.60 -8.67 1.51
N PRO A 277 44.14 -9.57 0.63
CA PRO A 277 42.86 -9.38 -0.07
C PRO A 277 41.66 -9.18 0.86
N LEU A 278 40.51 -8.89 0.27
CA LEU A 278 39.27 -8.70 1.02
C LEU A 278 38.77 -10.05 1.54
N LYS A 279 38.73 -10.19 2.86
CA LYS A 279 38.29 -11.43 3.50
C LYS A 279 37.08 -12.07 2.82
N PRO A 280 37.05 -13.42 2.79
CA PRO A 280 36.00 -14.26 2.18
C PRO A 280 34.54 -13.86 2.42
N VAL A 281 34.23 -13.33 3.59
CA VAL A 281 32.86 -12.92 3.88
C VAL A 281 32.45 -11.81 2.90
N ILE A 282 33.45 -11.08 2.40
CA ILE A 282 33.23 -9.99 1.45
C ILE A 282 33.18 -10.49 0.02
N GLN A 283 34.16 -11.32 -0.35
CA GLN A 283 34.22 -11.88 -1.70
C GLN A 283 32.95 -12.62 -2.07
N ASP A 284 32.42 -13.39 -1.13
CA ASP A 284 31.22 -14.16 -1.37
C ASP A 284 30.00 -13.30 -1.66
N ALA A 285 29.91 -12.14 -0.99
CA ALA A 285 28.79 -11.25 -1.20
C ALA A 285 28.54 -10.89 -2.66
N PHE A 286 29.61 -10.85 -3.46
CA PHE A 286 29.55 -10.52 -4.88
C PHE A 286 29.03 -11.68 -5.74
N ASP A 287 28.21 -12.54 -5.13
CA ASP A 287 27.63 -13.68 -5.83
C ASP A 287 26.10 -13.50 -5.80
N LYS A 288 25.68 -12.33 -5.35
CA LYS A 288 24.27 -11.96 -5.27
C LYS A 288 24.05 -10.70 -6.08
N ILE A 289 24.23 -10.82 -7.40
CA ILE A 289 24.05 -9.71 -8.34
C ILE A 289 24.29 -8.31 -7.83
N HIS A 290 23.81 -7.33 -8.59
CA HIS A 290 24.01 -5.95 -8.19
C HIS A 290 24.35 -5.17 -9.45
N PHE A 291 24.05 -5.79 -10.58
CA PHE A 291 24.31 -5.18 -11.87
C PHE A 291 23.03 -4.52 -12.40
N GLY A 292 22.65 -3.42 -11.76
CA GLY A 292 21.47 -2.69 -12.18
C GLY A 292 21.93 -1.44 -12.92
N ALA A 293 21.40 -1.19 -14.10
CA ALA A 293 21.82 -0.01 -14.84
C ALA A 293 20.68 0.89 -15.24
N LEU A 294 20.37 1.87 -14.39
CA LEU A 294 19.33 2.84 -14.67
C LEU A 294 19.97 3.97 -15.44
N GLY A 295 19.45 4.29 -16.61
CA GLY A 295 20.01 5.38 -17.39
C GLY A 295 19.03 6.53 -17.55
N LYS A 296 19.49 7.64 -18.09
CA LYS A 296 18.63 8.79 -18.29
C LYS A 296 18.80 9.41 -19.67
N VAL A 297 17.79 10.16 -20.12
CA VAL A 297 17.86 10.82 -21.41
C VAL A 297 16.94 12.04 -21.39
N ILE A 298 17.54 13.22 -21.24
CA ILE A 298 16.79 14.47 -21.21
C ILE A 298 16.36 14.91 -22.61
N PHE A 299 15.11 15.32 -22.77
CA PHE A 299 14.66 15.82 -24.06
C PHE A 299 14.30 17.32 -23.87
N GLU A 300 15.23 18.19 -24.26
CA GLU A 300 15.05 19.64 -24.10
C GLU A 300 14.31 20.29 -25.26
N PHE A 301 13.10 20.77 -24.99
CA PHE A 301 12.31 21.40 -26.04
C PHE A 301 12.42 22.90 -26.01
N GLU A 302 11.96 23.52 -27.09
CA GLU A 302 11.98 24.97 -27.24
C GLU A 302 11.22 25.61 -26.09
N GLU A 303 9.91 25.44 -26.12
CA GLU A 303 9.06 26.01 -25.10
C GLU A 303 8.02 24.99 -24.67
N CYS A 304 7.43 25.20 -23.50
CA CYS A 304 6.42 24.30 -22.99
C CYS A 304 5.22 24.48 -23.90
N CYS A 305 4.70 23.39 -24.46
CA CYS A 305 3.52 23.48 -25.29
C CYS A 305 2.92 22.08 -25.40
N TRP A 306 2.44 21.61 -24.26
CA TRP A 306 1.82 20.29 -24.10
C TRP A 306 1.16 20.28 -22.73
N SER A 307 0.06 19.53 -22.60
CA SER A 307 -0.67 19.44 -21.34
C SER A 307 0.21 19.16 -20.13
N ASN A 308 0.05 19.95 -19.08
CA ASN A 308 0.83 19.76 -17.85
C ASN A 308 0.00 18.99 -16.82
N GLU A 309 -0.86 18.11 -17.29
CA GLU A 309 -1.73 17.33 -16.42
C GLU A 309 -0.99 16.70 -15.26
N SER A 310 0.00 15.88 -15.58
CA SER A 310 0.78 15.21 -14.57
C SER A 310 2.26 15.40 -14.88
N SER A 311 3.08 15.27 -13.86
CA SER A 311 4.52 15.40 -14.04
C SER A 311 5.15 14.01 -14.18
N LYS A 312 4.32 12.97 -14.20
CA LYS A 312 4.82 11.59 -14.31
C LYS A 312 4.10 10.86 -15.44
N ILE A 313 4.87 10.27 -16.36
CA ILE A 313 4.32 9.54 -17.49
C ILE A 313 5.14 8.29 -17.76
N VAL A 314 4.47 7.27 -18.29
CA VAL A 314 5.11 5.98 -18.59
C VAL A 314 4.58 5.37 -19.89
N THR A 315 5.44 5.10 -20.85
CA THR A 315 4.90 4.47 -22.05
C THR A 315 4.89 2.97 -21.77
N LEU A 316 3.84 2.29 -22.22
CA LEU A 316 3.69 0.86 -22.01
C LEU A 316 4.12 0.05 -23.21
N ALA A 317 5.14 -0.78 -23.03
CA ALA A 317 5.65 -1.63 -24.10
C ALA A 317 4.47 -2.27 -24.81
N ASN A 318 4.56 -2.46 -26.12
CA ASN A 318 3.42 -3.04 -26.83
C ASN A 318 2.96 -4.32 -26.18
N SER A 319 1.66 -4.60 -26.28
CA SER A 319 1.07 -5.80 -25.71
C SER A 319 0.20 -6.46 -26.77
N THR A 320 0.06 -7.78 -26.71
CA THR A 320 -0.75 -8.45 -27.72
C THR A 320 -2.02 -9.06 -27.16
N ASN A 321 -2.94 -9.41 -28.05
CA ASN A 321 -4.18 -10.04 -27.65
C ASN A 321 -3.95 -11.54 -27.63
N GLU A 322 -2.96 -12.02 -28.37
CA GLU A 322 -2.71 -13.44 -28.34
C GLU A 322 -2.18 -13.79 -26.93
N PHE A 323 -1.65 -12.78 -26.24
CA PHE A 323 -1.13 -12.97 -24.90
C PHE A 323 -2.27 -13.38 -23.97
N VAL A 324 -3.38 -12.66 -24.04
CA VAL A 324 -4.54 -12.95 -23.21
C VAL A 324 -5.06 -14.34 -23.53
N GLU A 325 -5.21 -14.64 -24.81
CA GLU A 325 -5.71 -15.95 -25.23
C GLU A 325 -4.88 -17.04 -24.58
N ILE A 326 -3.56 -16.88 -24.59
CA ILE A 326 -2.65 -17.87 -23.99
C ILE A 326 -2.82 -18.00 -22.48
N VAL A 327 -3.05 -16.87 -21.81
CA VAL A 327 -3.23 -16.88 -20.37
C VAL A 327 -4.58 -17.55 -20.06
N ARG A 328 -5.57 -17.24 -20.89
CA ARG A 328 -6.92 -17.79 -20.73
C ARG A 328 -6.95 -19.29 -21.00
N ASN A 329 -6.04 -19.77 -21.83
CA ASN A 329 -6.02 -21.18 -22.19
C ASN A 329 -4.99 -22.07 -21.51
N ALA A 330 -3.96 -21.49 -20.90
CA ALA A 330 -2.93 -22.30 -20.24
C ALA A 330 -3.44 -23.12 -19.07
N GLU A 331 -2.96 -24.35 -18.98
CA GLU A 331 -3.37 -25.25 -17.92
C GLU A 331 -2.50 -25.10 -16.66
N ASN A 332 -1.32 -24.52 -16.78
CA ASN A 332 -0.46 -24.35 -15.60
C ASN A 332 0.86 -23.63 -15.81
N LEU A 333 1.50 -23.25 -14.71
CA LEU A 333 2.75 -22.53 -14.74
C LEU A 333 3.76 -23.10 -15.73
N ASP A 334 3.68 -24.40 -16.01
CA ASP A 334 4.63 -25.00 -16.94
C ASP A 334 4.27 -24.72 -18.39
N GLU A 335 3.01 -24.96 -18.73
CA GLU A 335 2.52 -24.73 -20.08
C GLU A 335 2.51 -23.25 -20.42
N LEU A 336 1.93 -22.42 -19.54
CA LEU A 336 1.88 -20.99 -19.78
C LEU A 336 3.30 -20.46 -19.94
N ASP A 337 4.27 -21.16 -19.37
CA ASP A 337 5.65 -20.71 -19.48
C ASP A 337 6.20 -20.90 -20.89
N SER A 338 6.07 -22.11 -21.40
CA SER A 338 6.56 -22.47 -22.74
C SER A 338 5.72 -21.83 -23.83
N MET A 339 4.40 -21.93 -23.72
CA MET A 339 3.55 -21.34 -24.72
C MET A 339 3.95 -19.88 -24.92
N LEU A 340 4.65 -19.33 -23.94
CA LEU A 340 5.14 -17.97 -24.03
C LEU A 340 6.52 -18.06 -24.68
N GLU A 341 6.61 -17.59 -25.92
CA GLU A 341 7.84 -17.65 -26.68
C GLU A 341 7.49 -17.97 -28.12
N ARG A 342 8.11 -17.25 -29.04
CA ARG A 342 7.87 -17.45 -30.46
C ARG A 342 8.71 -16.47 -31.30
N GLU A 343 8.08 -15.87 -32.30
CA GLU A 343 8.76 -14.92 -33.16
C GLU A 343 7.78 -14.01 -33.87
N THR A 349 15.09 -9.66 -33.82
CA THR A 349 13.88 -9.32 -33.08
C THR A 349 13.54 -7.86 -33.29
N SER A 350 14.52 -6.99 -33.07
CA SER A 350 14.40 -5.54 -33.23
C SER A 350 13.87 -4.86 -31.98
N VAL A 351 14.74 -4.12 -31.33
CA VAL A 351 14.35 -3.41 -30.14
C VAL A 351 13.98 -2.00 -30.50
N THR A 352 12.79 -1.57 -30.11
CA THR A 352 12.31 -0.23 -30.41
C THR A 352 11.89 0.50 -29.15
N CYS A 353 11.57 1.78 -29.28
CA CYS A 353 11.16 2.53 -28.09
C CYS A 353 9.95 1.91 -27.41
N TRP A 354 9.31 0.94 -28.07
CA TRP A 354 8.13 0.27 -27.49
C TRP A 354 8.43 -1.17 -27.04
N SER A 355 9.69 -1.52 -26.87
CA SER A 355 10.08 -2.86 -26.45
C SER A 355 10.19 -2.91 -24.93
N GLN A 356 10.01 -1.76 -24.31
CA GLN A 356 10.11 -1.67 -22.87
C GLN A 356 9.34 -0.49 -22.31
N PRO A 357 9.06 -0.55 -21.03
CA PRO A 357 8.33 0.56 -20.43
C PRO A 357 9.33 1.71 -20.28
N LEU A 358 8.88 2.94 -20.49
CA LEU A 358 9.75 4.10 -20.35
C LEU A 358 9.10 5.12 -19.42
N PHE A 359 9.85 5.56 -18.43
CA PHE A 359 9.35 6.52 -17.45
C PHE A 359 9.83 7.92 -17.76
N PHE A 360 8.89 8.77 -18.16
CA PHE A 360 9.21 10.17 -18.50
C PHE A 360 8.73 11.13 -17.41
N VAL A 361 9.65 11.89 -16.83
CA VAL A 361 9.26 12.91 -15.85
C VAL A 361 9.03 14.19 -16.64
N ASN A 362 7.82 14.73 -16.62
CA ASN A 362 7.55 15.97 -17.35
C ASN A 362 7.91 17.21 -16.53
N LEU A 363 9.16 17.65 -16.62
CA LEU A 363 9.64 18.80 -15.87
C LEU A 363 8.89 20.10 -16.12
N SER A 364 7.96 20.10 -17.06
CA SER A 364 7.19 21.30 -17.36
C SER A 364 6.27 21.64 -16.19
N LYS A 365 5.57 20.64 -15.67
CA LYS A 365 4.66 20.85 -14.56
C LYS A 365 5.37 21.04 -13.22
N SER A 366 6.47 20.33 -12.99
CA SER A 366 7.15 20.45 -11.70
C SER A 366 8.25 21.50 -11.56
N THR A 367 8.94 21.80 -12.66
CA THR A 367 10.04 22.77 -12.61
C THR A 367 9.92 23.97 -13.54
N GLY A 368 9.01 23.91 -14.51
CA GLY A 368 8.84 25.00 -15.44
C GLY A 368 9.58 24.85 -16.75
N VAL A 369 10.73 24.16 -16.72
CA VAL A 369 11.58 23.91 -17.89
C VAL A 369 10.98 22.92 -18.90
N ALA A 370 10.82 23.37 -20.15
CA ALA A 370 10.25 22.53 -21.20
C ALA A 370 11.14 21.35 -21.55
N SER A 371 11.25 20.41 -20.63
CA SER A 371 12.09 19.25 -20.87
C SER A 371 11.54 18.00 -20.21
N PHE A 372 11.88 16.86 -20.79
CA PHE A 372 11.48 15.57 -20.27
C PHE A 372 12.72 14.84 -19.77
N MET A 373 12.67 14.36 -18.53
CA MET A 373 13.78 13.59 -17.97
C MET A 373 13.26 12.17 -18.04
N MET A 374 13.88 11.35 -18.87
CA MET A 374 13.43 9.98 -19.06
C MET A 374 14.31 8.95 -18.37
N LEU A 375 13.69 7.95 -17.76
CA LEU A 375 14.45 6.88 -17.13
C LEU A 375 14.31 5.64 -17.99
N MET A 376 15.40 4.92 -18.16
CA MET A 376 15.39 3.69 -18.96
C MET A 376 16.01 2.59 -18.14
N GLN A 377 16.01 1.38 -18.69
CA GLN A 377 16.53 0.26 -17.94
C GLN A 377 17.38 -0.71 -18.75
N ALA A 378 18.06 -1.59 -18.02
CA ALA A 378 18.89 -2.61 -18.65
C ALA A 378 17.91 -3.55 -19.34
N PRO A 379 18.25 -4.09 -20.51
CA PRO A 379 19.48 -3.94 -21.29
C PRO A 379 19.47 -2.74 -22.22
N LEU A 380 18.36 -1.98 -22.23
CA LEU A 380 18.24 -0.81 -23.10
C LEU A 380 19.21 0.29 -22.73
N THR A 381 19.34 0.56 -21.45
CA THR A 381 20.23 1.61 -20.98
C THR A 381 21.59 1.51 -21.64
N ASN A 382 22.18 0.32 -21.53
CA ASN A 382 23.50 0.02 -22.07
C ASN A 382 23.61 0.33 -23.56
N HIS A 383 22.53 0.08 -24.29
CA HIS A 383 22.47 0.32 -25.73
C HIS A 383 22.40 1.81 -26.03
N ILE A 384 21.35 2.45 -25.55
CA ILE A 384 21.16 3.88 -25.77
C ILE A 384 22.36 4.73 -25.33
N GLU A 385 23.04 4.33 -24.26
CA GLU A 385 24.19 5.10 -23.81
C GLU A 385 25.35 4.91 -24.78
N SER A 386 25.57 3.66 -25.20
CA SER A 386 26.66 3.36 -26.12
C SER A 386 26.51 4.13 -27.43
N ILE A 387 25.35 4.77 -27.64
CA ILE A 387 25.13 5.57 -28.84
C ILE A 387 24.69 6.99 -28.44
N ARG A 388 25.19 7.46 -27.31
CA ARG A 388 24.87 8.78 -26.76
C ARG A 388 25.47 9.95 -27.52
N GLU A 389 26.21 9.67 -28.59
CA GLU A 389 26.85 10.70 -29.40
C GLU A 389 26.10 10.94 -30.69
N ASP A 390 25.25 9.99 -31.07
CA ASP A 390 24.49 10.08 -32.31
C ASP A 390 23.09 10.61 -32.04
N LYS A 391 22.96 11.93 -31.95
CA LYS A 391 21.65 12.51 -31.66
C LYS A 391 20.59 12.16 -32.71
N GLU A 392 21.02 11.87 -33.94
CA GLU A 392 20.04 11.54 -34.98
C GLU A 392 19.43 10.19 -34.70
N ARG A 393 20.26 9.23 -34.30
CA ARG A 393 19.73 7.91 -34.01
C ARG A 393 18.85 7.96 -32.77
N LEU A 394 19.33 8.64 -31.72
CA LEU A 394 18.57 8.76 -30.50
C LEU A 394 17.19 9.37 -30.79
N PHE A 395 17.13 10.33 -31.71
CA PHE A 395 15.84 10.93 -32.05
C PHE A 395 14.92 9.92 -32.74
N SER A 396 15.46 9.13 -33.66
CA SER A 396 14.67 8.15 -34.36
C SER A 396 14.11 7.13 -33.37
N PHE A 397 14.99 6.60 -32.55
CA PHE A 397 14.62 5.59 -31.58
C PHE A 397 13.45 6.04 -30.72
N PHE A 398 13.51 7.26 -30.22
CA PHE A 398 12.47 7.79 -29.35
C PHE A 398 11.32 8.57 -29.99
N GLN A 399 11.52 9.06 -31.21
CA GLN A 399 10.48 9.83 -31.87
C GLN A 399 9.07 9.25 -31.71
N PRO A 400 8.90 7.95 -31.96
CA PRO A 400 7.55 7.38 -31.80
C PRO A 400 6.94 7.56 -30.41
N VAL A 401 7.63 7.16 -29.35
CA VAL A 401 7.03 7.35 -28.02
C VAL A 401 6.89 8.85 -27.73
N LEU A 402 7.86 9.65 -28.17
CA LEU A 402 7.82 11.10 -27.97
C LEU A 402 6.56 11.72 -28.59
N ASN A 403 6.17 11.22 -29.76
CA ASN A 403 4.98 11.74 -30.44
C ASN A 403 3.71 11.27 -29.73
N LYS A 404 3.70 10.00 -29.33
CA LYS A 404 2.54 9.45 -28.64
C LYS A 404 2.30 10.22 -27.35
N ILE A 405 3.37 10.57 -26.64
CA ILE A 405 3.23 11.35 -25.41
C ILE A 405 2.60 12.69 -25.79
N MET A 406 3.14 13.31 -26.82
CA MET A 406 2.61 14.59 -27.27
C MET A 406 1.13 14.49 -27.69
N LYS A 407 0.76 13.41 -28.38
CA LYS A 407 -0.64 13.25 -28.79
C LYS A 407 -1.49 13.27 -27.54
N CYS A 408 -1.23 12.33 -26.65
CA CYS A 408 -1.97 12.20 -25.41
C CYS A 408 -1.88 13.43 -24.50
N LEU A 409 -1.07 14.41 -24.86
CA LEU A 409 -0.98 15.59 -24.00
C LEU A 409 -1.55 16.86 -24.66
N ASP A 410 -2.48 16.66 -25.57
CA ASP A 410 -3.12 17.77 -26.29
C ASP A 410 -2.07 18.61 -27.00
N SER A 411 -1.27 17.93 -27.83
CA SER A 411 -0.21 18.56 -28.58
C SER A 411 -0.03 17.81 -29.90
N GLU A 412 1.13 17.95 -30.54
CA GLU A 412 1.34 17.26 -31.81
C GLU A 412 2.76 16.75 -32.00
N ASP A 413 2.97 16.01 -33.10
CA ASP A 413 4.27 15.42 -33.42
C ASP A 413 5.45 16.39 -33.30
N VAL A 414 6.49 15.91 -32.62
CA VAL A 414 7.70 16.66 -32.36
C VAL A 414 8.57 16.98 -33.58
N ILE A 415 9.00 18.23 -33.66
CA ILE A 415 9.86 18.71 -34.74
C ILE A 415 11.34 18.57 -34.34
N ASP A 416 12.12 17.94 -35.21
CA ASP A 416 13.55 17.74 -34.93
C ASP A 416 14.31 19.01 -35.24
N GLY A 417 14.68 19.74 -34.20
CA GLY A 417 15.42 20.97 -34.38
C GLY A 417 16.74 20.91 -33.67
N MET A 418 17.43 19.78 -33.84
CA MET A 418 18.72 19.60 -33.21
C MET A 418 19.84 20.20 -34.06
N ARG A 419 19.49 20.56 -35.29
CA ARG A 419 20.40 21.22 -36.24
C ARG A 419 19.43 22.25 -36.84
N PRO A 420 18.95 23.18 -36.00
CA PRO A 420 18.00 24.29 -36.24
C PRO A 420 17.92 25.09 -37.55
N ILE A 421 16.69 25.52 -37.83
CA ILE A 421 16.31 26.33 -38.98
C ILE A 421 15.04 27.10 -38.57
N GLU A 422 15.21 28.17 -37.80
CA GLU A 422 14.10 29.02 -37.33
C GLU A 422 13.00 29.18 -38.36
N ASN A 423 11.79 28.71 -38.03
CA ASN A 423 10.63 28.80 -38.92
C ASN A 423 9.36 29.16 -38.14
N ILE A 424 8.52 30.00 -38.74
CA ILE A 424 7.30 30.41 -38.10
C ILE A 424 6.32 29.26 -37.90
N ALA A 425 6.22 28.38 -38.89
CA ALA A 425 5.31 27.23 -38.87
C ALA A 425 5.33 26.45 -37.56
N ASN A 426 6.40 26.63 -36.77
CA ASN A 426 6.53 25.95 -35.49
C ASN A 426 5.76 26.76 -34.44
N ALA A 427 4.59 27.26 -34.81
CA ALA A 427 3.79 28.04 -33.90
C ALA A 427 3.53 27.28 -32.61
N ASN A 428 2.50 26.42 -32.64
CA ASN A 428 2.12 25.62 -31.47
C ASN A 428 3.06 24.42 -31.31
N LYS A 429 3.29 23.74 -32.43
CA LYS A 429 4.16 22.56 -32.53
C LYS A 429 5.36 22.61 -31.59
N PRO A 430 5.70 21.48 -30.94
CA PRO A 430 6.82 21.38 -30.02
C PRO A 430 8.12 21.08 -30.74
N VAL A 431 9.16 21.86 -30.43
CA VAL A 431 10.46 21.67 -31.08
C VAL A 431 11.53 21.13 -30.16
N LEU A 432 12.08 19.98 -30.54
CA LEU A 432 13.14 19.34 -29.76
C LEU A 432 14.45 19.97 -30.16
N ARG A 433 15.22 20.47 -29.19
CA ARG A 433 16.51 21.11 -29.46
C ARG A 433 17.67 20.18 -29.16
N ASN A 434 17.81 19.82 -27.89
CA ASN A 434 18.90 18.96 -27.45
C ASN A 434 18.42 17.60 -26.95
N ILE A 435 19.40 16.77 -26.61
CA ILE A 435 19.18 15.43 -26.06
C ILE A 435 20.46 15.14 -25.28
N ILE A 436 20.32 14.80 -24.02
CA ILE A 436 21.44 14.49 -23.13
C ILE A 436 21.24 13.07 -22.61
N VAL A 437 22.24 12.22 -22.75
CA VAL A 437 22.10 10.86 -22.27
C VAL A 437 23.13 10.56 -21.21
N SER A 438 22.77 9.68 -20.28
CA SER A 438 23.67 9.30 -19.21
C SER A 438 24.80 8.47 -19.81
N ASN A 439 25.77 8.10 -18.97
CA ASN A 439 26.90 7.30 -19.43
C ASN A 439 27.33 6.32 -18.32
N TRP A 440 26.57 6.31 -17.22
CA TRP A 440 26.87 5.46 -16.08
C TRP A 440 27.40 4.05 -16.37
N THR A 441 26.84 3.38 -17.37
CA THR A 441 27.27 2.03 -17.69
C THR A 441 28.60 1.97 -18.42
N ARG A 442 29.08 3.10 -18.91
CA ARG A 442 30.34 3.11 -19.64
C ARG A 442 31.46 3.83 -18.87
N ASP A 443 31.08 4.46 -17.76
CA ASP A 443 32.01 5.17 -16.87
C ASP A 443 32.64 4.10 -15.98
N PRO A 444 33.97 3.95 -16.03
CA PRO A 444 34.66 2.94 -15.23
C PRO A 444 34.58 3.14 -13.72
N TYR A 445 34.18 4.34 -13.30
CA TYR A 445 34.07 4.64 -11.89
C TYR A 445 32.64 4.45 -11.41
N SER A 446 31.86 3.79 -12.26
CA SER A 446 30.46 3.49 -12.00
C SER A 446 30.17 2.04 -12.38
N ARG A 447 30.26 1.76 -13.68
CA ARG A 447 29.99 0.42 -14.21
C ARG A 447 28.53 -0.01 -13.98
N GLY A 448 27.62 0.93 -14.21
CA GLY A 448 26.20 0.71 -14.03
C GLY A 448 25.58 1.93 -13.34
N ALA A 449 24.42 1.74 -12.72
CA ALA A 449 23.75 2.83 -12.01
C ALA A 449 23.80 2.66 -10.50
N TYR A 450 23.27 1.53 -10.01
CA TYR A 450 23.24 1.25 -8.58
C TYR A 450 22.72 -0.17 -8.31
N SER A 451 22.94 -0.61 -7.08
CA SER A 451 22.53 -1.95 -6.62
C SER A 451 21.15 -2.36 -7.10
N ALA A 452 21.06 -3.64 -7.48
CA ALA A 452 19.82 -4.26 -7.94
C ALA A 452 19.94 -5.75 -7.67
N CYS A 453 18.80 -6.45 -7.69
CA CYS A 453 18.81 -7.88 -7.42
C CYS A 453 18.36 -8.78 -8.58
N PHE A 454 19.23 -9.72 -8.95
CA PHE A 454 18.93 -10.68 -10.00
C PHE A 454 18.19 -11.81 -9.28
N PRO A 455 17.38 -12.61 -10.00
CA PRO A 455 16.66 -13.70 -9.33
C PRO A 455 17.56 -14.60 -8.47
N GLY A 456 17.62 -14.32 -7.17
CA GLY A 456 18.44 -15.13 -6.27
C GLY A 456 19.40 -14.35 -5.39
N ASP A 457 19.44 -13.04 -5.59
CA ASP A 457 20.33 -12.18 -4.79
C ASP A 457 19.88 -12.16 -3.34
N ASP A 458 20.62 -11.42 -2.52
CA ASP A 458 20.29 -11.28 -1.11
C ASP A 458 20.94 -10.04 -0.53
N PRO A 459 20.18 -8.94 -0.46
CA PRO A 459 20.64 -7.65 0.07
C PRO A 459 20.75 -7.67 1.59
N VAL A 460 21.74 -8.39 2.09
CA VAL A 460 21.95 -8.48 3.53
C VAL A 460 23.40 -8.83 3.80
N ASP A 461 23.85 -9.97 3.30
CA ASP A 461 25.23 -10.40 3.53
C ASP A 461 26.26 -9.41 2.98
N MET A 462 25.82 -8.54 2.08
CA MET A 462 26.70 -7.54 1.49
C MET A 462 26.66 -6.26 2.34
N VAL A 463 25.45 -5.88 2.77
CA VAL A 463 25.25 -4.69 3.59
C VAL A 463 25.92 -4.87 4.96
N VAL A 464 25.91 -6.10 5.45
CA VAL A 464 26.50 -6.45 6.73
C VAL A 464 28.01 -6.58 6.61
N ALA A 465 28.45 -7.43 5.69
CA ALA A 465 29.89 -7.64 5.48
C ALA A 465 30.59 -6.28 5.25
N MET A 466 29.98 -5.44 4.42
CA MET A 466 30.50 -4.11 4.12
C MET A 466 30.54 -3.20 5.36
N SER A 467 29.47 -3.20 6.13
CA SER A 467 29.37 -2.37 7.33
C SER A 467 30.19 -2.91 8.50
N ASN A 468 30.98 -3.95 8.25
CA ASN A 468 31.84 -4.55 9.27
C ASN A 468 33.29 -4.42 8.78
N GLY A 469 33.47 -3.62 7.74
CA GLY A 469 34.77 -3.37 7.16
C GLY A 469 35.66 -4.58 6.97
N GLN A 470 36.90 -4.32 6.55
CA GLN A 470 37.90 -5.35 6.36
C GLN A 470 38.48 -5.66 7.74
N ASP A 471 38.80 -4.58 8.46
CA ASP A 471 39.34 -4.63 9.80
C ASP A 471 38.98 -3.33 10.50
N SER A 472 39.74 -2.97 11.53
CA SER A 472 39.43 -1.74 12.24
C SER A 472 39.94 -0.51 11.53
N ARG A 473 40.86 -0.71 10.60
CA ARG A 473 41.45 0.39 9.86
C ARG A 473 40.71 0.70 8.56
N ILE A 474 40.39 -0.36 7.80
CA ILE A 474 39.71 -0.23 6.50
C ILE A 474 38.17 -0.40 6.57
N ARG A 475 37.45 0.72 6.53
CA ARG A 475 35.99 0.71 6.60
C ARG A 475 35.37 0.94 5.22
N PHE A 476 34.09 0.62 5.07
CA PHE A 476 33.41 0.83 3.78
C PHE A 476 32.17 1.68 3.94
N ALA A 477 31.87 2.48 2.92
CA ALA A 477 30.69 3.34 2.93
C ALA A 477 30.11 3.45 1.52
N GLY A 478 28.93 4.05 1.41
CA GLY A 478 28.29 4.19 0.11
C GLY A 478 26.86 3.67 0.12
N GLU A 479 26.24 3.57 -1.05
CA GLU A 479 24.86 3.09 -1.15
C GLU A 479 24.75 1.58 -1.10
N HIS A 480 25.86 0.90 -0.85
CA HIS A 480 25.85 -0.56 -0.80
C HIS A 480 26.39 -1.02 0.54
N THR A 481 26.27 -0.16 1.54
CA THR A 481 26.79 -0.49 2.86
C THR A 481 25.81 -0.10 3.98
N ILE A 482 24.52 -0.13 3.65
CA ILE A 482 23.49 0.22 4.61
C ILE A 482 22.15 -0.41 4.19
N MET A 483 21.25 -0.66 5.15
CA MET A 483 19.95 -1.25 4.86
C MET A 483 18.88 -0.19 4.62
N ASP A 484 18.93 0.87 5.43
CA ASP A 484 17.97 1.97 5.31
C ASP A 484 18.40 2.94 4.23
N GLY A 485 17.68 2.91 3.11
CA GLY A 485 18.01 3.79 2.00
C GLY A 485 19.03 3.12 1.10
N ALA A 486 19.31 1.84 1.35
CA ALA A 486 20.28 1.10 0.55
C ALA A 486 20.16 1.49 -0.91
N GLY A 487 21.30 1.73 -1.54
CA GLY A 487 21.31 2.11 -2.94
C GLY A 487 20.83 3.53 -3.18
N CYS A 488 20.21 4.13 -2.18
CA CYS A 488 19.70 5.50 -2.33
C CYS A 488 20.75 6.55 -1.92
N ALA A 489 20.47 7.81 -2.27
CA ALA A 489 21.38 8.89 -1.93
C ALA A 489 21.50 9.06 -0.42
N TYR A 490 20.39 9.31 0.26
CA TYR A 490 20.44 9.50 1.70
C TYR A 490 21.08 8.30 2.38
N GLY A 491 20.97 7.13 1.76
CA GLY A 491 21.58 5.96 2.35
C GLY A 491 23.07 6.16 2.44
N ALA A 492 23.69 6.42 1.30
CA ALA A 492 25.13 6.62 1.20
C ALA A 492 25.61 7.76 2.11
N TRP A 493 24.89 8.87 2.06
CA TRP A 493 25.18 10.04 2.87
C TRP A 493 25.32 9.60 4.34
N GLU A 494 24.38 8.78 4.78
CA GLU A 494 24.33 8.26 6.14
C GLU A 494 25.47 7.27 6.38
N SER A 495 25.74 6.42 5.41
CA SER A 495 26.81 5.43 5.55
C SER A 495 28.13 6.14 5.77
N GLY A 496 28.23 7.35 5.23
CA GLY A 496 29.46 8.13 5.37
C GLY A 496 29.52 8.79 6.73
N ARG A 497 28.38 9.29 7.21
CA ARG A 497 28.34 9.92 8.51
C ARG A 497 28.62 8.82 9.53
N ARG A 498 28.23 7.62 9.17
CA ARG A 498 28.42 6.46 10.02
C ARG A 498 29.90 6.15 10.19
N GLU A 499 30.59 5.94 9.09
CA GLU A 499 32.01 5.61 9.17
C GLU A 499 32.87 6.69 9.78
N ALA A 500 32.51 7.95 9.58
CA ALA A 500 33.25 9.07 10.14
C ALA A 500 33.13 9.08 11.68
N THR A 501 31.92 9.33 12.18
CA THR A 501 31.72 9.38 13.62
C THR A 501 32.36 8.15 14.28
N ARG A 502 32.08 6.96 13.78
CA ARG A 502 32.67 5.76 14.35
C ARG A 502 34.18 5.94 14.51
N ILE A 503 34.79 6.69 13.60
CA ILE A 503 36.22 6.94 13.66
C ILE A 503 36.52 8.13 14.55
N SER A 504 35.78 9.23 14.36
CA SER A 504 36.00 10.44 15.16
C SER A 504 35.90 10.13 16.67
N ASP A 505 35.06 9.16 17.02
CA ASP A 505 34.90 8.76 18.43
C ASP A 505 36.19 8.10 18.93
N LEU A 506 36.67 7.09 18.19
CA LEU A 506 37.90 6.37 18.55
C LEU A 506 39.05 7.36 18.76
N LEU A 507 39.38 8.13 17.72
CA LEU A 507 40.45 9.12 17.78
C LEU A 507 40.34 10.02 19.01
N LYS A 508 39.14 10.55 19.28
CA LYS A 508 38.91 11.40 20.44
C LYS A 508 39.28 10.66 21.74
N LEU A 509 38.66 9.49 21.94
CA LEU A 509 38.91 8.69 23.13
C LEU A 509 40.37 8.32 23.33
N GLU A 510 41.18 8.44 22.27
CA GLU A 510 42.60 8.11 22.36
C GLU A 510 43.35 9.15 23.18
N HIS A 511 42.92 9.32 24.42
CA HIS A 511 43.53 10.30 25.29
C HIS A 511 43.02 11.69 24.96
N SER B 5 -35.77 -37.42 29.44
CA SER B 5 -36.77 -36.45 28.90
C SER B 5 -36.10 -35.46 27.93
N PRO B 6 -35.13 -34.66 28.43
CA PRO B 6 -34.43 -33.69 27.58
C PRO B 6 -33.61 -34.31 26.44
N ALA B 7 -34.03 -34.05 25.21
CA ALA B 7 -33.38 -34.58 24.02
C ALA B 7 -31.86 -34.64 24.03
N LYS B 8 -31.34 -35.85 23.75
CA LYS B 8 -29.90 -36.11 23.70
C LYS B 8 -29.39 -35.73 22.31
N LYS B 9 -28.38 -34.88 22.28
CA LYS B 9 -27.80 -34.40 21.03
C LYS B 9 -26.29 -34.51 21.15
N LYS B 10 -25.59 -34.53 20.03
CA LYS B 10 -24.15 -34.65 20.08
C LYS B 10 -23.48 -33.31 20.25
N VAL B 11 -23.88 -32.39 19.40
CA VAL B 11 -23.37 -31.03 19.41
C VAL B 11 -24.55 -30.09 19.22
N ILE B 12 -24.67 -29.10 20.09
CA ILE B 12 -25.74 -28.12 19.95
C ILE B 12 -25.12 -26.77 19.65
N ILE B 13 -25.39 -26.26 18.45
CA ILE B 13 -24.88 -24.97 18.02
C ILE B 13 -25.89 -23.86 18.29
N ILE B 14 -25.48 -22.82 19.02
CA ILE B 14 -26.41 -21.71 19.25
C ILE B 14 -26.17 -20.61 18.21
N GLY B 15 -27.19 -20.31 17.41
CA GLY B 15 -27.07 -19.25 16.42
C GLY B 15 -26.91 -19.71 14.99
N ALA B 16 -27.82 -19.32 14.10
CA ALA B 16 -27.72 -19.78 12.71
C ALA B 16 -27.01 -18.81 11.80
N GLY B 17 -26.03 -18.10 12.34
CA GLY B 17 -25.28 -17.20 11.50
C GLY B 17 -24.34 -18.00 10.62
N ILE B 18 -23.50 -17.30 9.87
CA ILE B 18 -22.56 -17.98 9.01
C ILE B 18 -21.69 -18.88 9.89
N ALA B 19 -21.33 -18.39 11.09
CA ALA B 19 -20.50 -19.15 12.01
C ALA B 19 -21.12 -20.49 12.47
N GLY B 20 -22.29 -20.43 13.10
CA GLY B 20 -22.95 -21.65 13.53
C GLY B 20 -23.34 -22.49 12.33
N LEU B 21 -23.76 -21.86 11.25
CA LEU B 21 -24.14 -22.61 10.06
C LEU B 21 -22.96 -23.40 9.53
N LYS B 22 -21.77 -22.79 9.51
CA LYS B 22 -20.62 -23.51 9.00
C LYS B 22 -20.21 -24.61 9.97
N ALA B 23 -20.45 -24.39 11.25
CA ALA B 23 -20.11 -25.40 12.24
C ALA B 23 -20.97 -26.61 11.94
N ALA B 24 -22.25 -26.36 11.72
CA ALA B 24 -23.23 -27.39 11.40
C ALA B 24 -22.84 -28.06 10.10
N SER B 25 -22.29 -27.28 9.17
CA SER B 25 -21.91 -27.84 7.90
C SER B 25 -20.73 -28.81 8.08
N THR B 26 -19.69 -28.34 8.74
CA THR B 26 -18.52 -29.16 8.99
C THR B 26 -18.90 -30.44 9.74
N LEU B 27 -19.73 -30.30 10.77
CA LEU B 27 -20.15 -31.46 11.54
C LEU B 27 -20.72 -32.53 10.63
N HIS B 28 -21.70 -32.17 9.82
CA HIS B 28 -22.28 -33.16 8.91
C HIS B 28 -21.28 -33.63 7.89
N GLN B 29 -20.27 -32.82 7.61
CA GLN B 29 -19.26 -33.20 6.64
C GLN B 29 -18.37 -34.29 7.24
N ASN B 30 -18.21 -34.24 8.56
CA ASN B 30 -17.40 -35.22 9.27
C ASN B 30 -18.26 -36.33 9.87
N GLY B 31 -19.40 -36.61 9.24
CA GLY B 31 -20.26 -37.67 9.72
C GLY B 31 -20.76 -37.60 11.15
N ILE B 32 -20.79 -36.43 11.75
CA ILE B 32 -21.30 -36.31 13.12
C ILE B 32 -22.83 -36.31 12.96
N GLN B 33 -23.52 -37.15 13.72
CA GLN B 33 -24.95 -37.24 13.63
C GLN B 33 -25.66 -36.63 14.83
N ASP B 34 -26.98 -36.60 14.80
CA ASP B 34 -27.80 -36.06 15.88
C ASP B 34 -27.32 -34.71 16.45
N CYS B 35 -27.24 -33.71 15.59
CA CYS B 35 -26.82 -32.39 16.02
C CYS B 35 -28.00 -31.44 15.98
N LEU B 36 -27.78 -30.22 16.43
CA LEU B 36 -28.90 -29.29 16.49
C LEU B 36 -28.48 -27.83 16.44
N VAL B 37 -29.13 -27.05 15.57
CA VAL B 37 -28.84 -25.63 15.49
C VAL B 37 -30.03 -24.82 16.02
N LEU B 38 -29.81 -24.13 17.13
CA LEU B 38 -30.86 -23.35 17.77
C LEU B 38 -30.71 -21.84 17.45
N GLU B 39 -31.72 -21.25 16.84
CA GLU B 39 -31.68 -19.83 16.46
C GLU B 39 -32.90 -19.03 16.93
N ALA B 40 -32.64 -17.87 17.55
CA ALA B 40 -33.71 -17.00 18.04
C ALA B 40 -34.59 -16.46 16.92
N ARG B 41 -33.97 -15.85 15.91
CA ARG B 41 -34.73 -15.30 14.80
C ARG B 41 -35.55 -16.41 14.15
N ASP B 42 -36.30 -16.07 13.12
CA ASP B 42 -37.10 -17.05 12.42
C ASP B 42 -36.53 -17.15 11.03
N ARG B 43 -35.23 -16.90 10.95
CA ARG B 43 -34.48 -16.94 9.71
C ARG B 43 -33.02 -17.25 10.04
N VAL B 44 -32.29 -17.84 9.10
CA VAL B 44 -30.89 -18.12 9.36
C VAL B 44 -30.10 -16.99 8.73
N GLY B 45 -28.79 -17.02 8.87
CA GLY B 45 -27.98 -15.97 8.30
C GLY B 45 -27.54 -14.93 9.31
N GLY B 46 -28.42 -14.60 10.24
CA GLY B 46 -28.07 -13.59 11.23
C GLY B 46 -27.68 -12.29 10.56
N ARG B 47 -26.48 -11.79 10.86
CA ARG B 47 -25.98 -10.55 10.29
C ARG B 47 -25.67 -10.66 8.80
N LEU B 48 -26.26 -11.67 8.15
CA LEU B 48 -26.12 -11.84 6.72
C LEU B 48 -27.57 -11.90 6.32
N GLN B 49 -28.13 -10.72 6.07
CA GLN B 49 -29.52 -10.63 5.69
C GLN B 49 -29.69 -9.92 4.37
N THR B 50 -30.53 -10.50 3.52
CA THR B 50 -30.84 -9.89 2.23
C THR B 50 -32.32 -9.50 2.26
N VAL B 51 -32.58 -8.20 2.21
CA VAL B 51 -33.94 -7.68 2.23
C VAL B 51 -34.41 -7.34 0.84
N THR B 52 -35.67 -6.94 0.71
CA THR B 52 -36.21 -6.57 -0.59
C THR B 52 -36.84 -5.18 -0.50
N GLY B 53 -36.76 -4.44 -1.62
CA GLY B 53 -37.32 -3.12 -1.66
C GLY B 53 -38.11 -2.87 -2.93
N TYR B 54 -38.21 -1.61 -3.33
CA TYR B 54 -38.93 -1.24 -4.54
C TYR B 54 -38.69 -2.20 -5.71
N GLN B 55 -39.74 -2.46 -6.50
CA GLN B 55 -39.67 -3.32 -7.67
C GLN B 55 -39.18 -4.75 -7.41
N GLY B 56 -38.92 -5.07 -6.14
CA GLY B 56 -38.45 -6.41 -5.83
C GLY B 56 -36.94 -6.51 -5.91
N ARG B 57 -36.28 -5.36 -5.93
CA ARG B 57 -34.83 -5.32 -5.99
C ARG B 57 -34.32 -5.80 -4.64
N LYS B 58 -33.17 -6.47 -4.63
CA LYS B 58 -32.61 -6.98 -3.39
C LYS B 58 -31.27 -6.36 -2.99
N TYR B 59 -31.03 -6.24 -1.69
CA TYR B 59 -29.77 -5.70 -1.18
C TYR B 59 -29.40 -6.41 0.13
N ASP B 60 -28.10 -6.56 0.40
CA ASP B 60 -27.64 -7.18 1.65
C ASP B 60 -27.59 -6.02 2.62
N ILE B 61 -28.38 -6.09 3.68
CA ILE B 61 -28.43 -5.02 4.66
C ILE B 61 -27.37 -5.22 5.73
N GLY B 62 -26.72 -6.39 5.67
CA GLY B 62 -25.65 -6.72 6.59
C GLY B 62 -24.37 -6.75 5.78
N ALA B 63 -23.68 -7.89 5.75
CA ALA B 63 -22.46 -7.99 4.95
C ALA B 63 -22.81 -7.90 3.46
N SER B 64 -21.89 -7.35 2.67
CA SER B 64 -22.10 -7.20 1.23
C SER B 64 -20.92 -7.70 0.41
N TRP B 65 -19.72 -7.58 0.97
CA TRP B 65 -18.52 -7.96 0.27
C TRP B 65 -17.75 -9.16 0.82
N HIS B 66 -16.96 -9.78 -0.06
CA HIS B 66 -16.07 -10.86 0.32
C HIS B 66 -14.79 -10.03 0.34
N HIS B 67 -14.15 -9.89 1.49
CA HIS B 67 -12.90 -9.14 1.58
C HIS B 67 -11.71 -10.11 1.43
N ASP B 68 -10.53 -9.55 1.18
CA ASP B 68 -9.32 -10.35 1.02
C ASP B 68 -9.47 -11.52 0.04
N THR B 69 -10.08 -11.26 -1.12
CA THR B 69 -10.31 -12.32 -2.09
C THR B 69 -9.10 -13.14 -2.49
N LEU B 70 -7.90 -12.69 -2.09
CA LEU B 70 -6.69 -13.44 -2.41
C LEU B 70 -6.50 -14.61 -1.47
N THR B 71 -7.06 -14.52 -0.26
CA THR B 71 -6.91 -15.60 0.69
C THR B 71 -8.20 -16.09 1.31
N ASN B 72 -9.24 -15.27 1.21
CA ASN B 72 -10.56 -15.57 1.76
C ASN B 72 -11.04 -16.98 1.42
N PRO B 73 -10.94 -17.91 2.38
CA PRO B 73 -11.39 -19.29 2.12
C PRO B 73 -12.82 -19.42 1.63
N LEU B 74 -13.72 -18.62 2.22
CA LEU B 74 -15.14 -18.62 1.84
C LEU B 74 -15.29 -18.16 0.42
N PHE B 75 -14.62 -17.08 0.09
CA PHE B 75 -14.67 -16.56 -1.27
C PHE B 75 -14.19 -17.59 -2.29
N LEU B 76 -12.97 -18.09 -2.13
CA LEU B 76 -12.45 -19.08 -3.05
C LEU B 76 -13.46 -20.22 -3.21
N GLU B 77 -14.12 -20.58 -2.12
CA GLU B 77 -15.12 -21.64 -2.20
C GLU B 77 -16.22 -21.17 -3.17
N GLU B 78 -16.73 -19.96 -2.95
CA GLU B 78 -17.77 -19.39 -3.79
C GLU B 78 -17.30 -19.21 -5.22
N ALA B 79 -16.01 -18.93 -5.39
CA ALA B 79 -15.42 -18.69 -6.70
C ALA B 79 -15.26 -20.00 -7.49
N GLN B 80 -15.08 -21.10 -6.76
CA GLN B 80 -14.93 -22.43 -7.33
C GLN B 80 -16.24 -22.87 -7.94
N LEU B 81 -17.34 -22.62 -7.24
CA LEU B 81 -18.64 -22.98 -7.74
C LEU B 81 -18.88 -22.26 -9.05
N SER B 82 -18.85 -20.93 -9.00
CA SER B 82 -19.07 -20.12 -10.19
C SER B 82 -18.15 -20.53 -11.34
N LEU B 83 -16.94 -20.92 -11.00
CA LEU B 83 -16.00 -21.33 -12.02
C LEU B 83 -16.38 -22.66 -12.63
N ASN B 84 -17.24 -23.40 -11.94
CA ASN B 84 -17.68 -24.70 -12.40
C ASN B 84 -19.07 -24.69 -13.03
N ASP B 85 -19.92 -23.78 -12.60
CA ASP B 85 -21.28 -23.73 -13.13
C ASP B 85 -21.57 -22.45 -13.89
N GLY B 86 -20.57 -21.60 -14.02
CA GLY B 86 -20.74 -20.36 -14.75
C GLY B 86 -21.76 -19.38 -14.20
N ARG B 87 -22.27 -19.63 -12.99
CA ARG B 87 -23.26 -18.74 -12.39
C ARG B 87 -22.63 -17.54 -11.66
N THR B 88 -23.11 -16.33 -11.94
CA THR B 88 -22.55 -15.15 -11.27
C THR B 88 -22.98 -15.12 -9.81
N ARG B 89 -22.00 -15.17 -8.91
CA ARG B 89 -22.29 -15.15 -7.47
C ARG B 89 -21.74 -13.90 -6.81
N PHE B 90 -20.99 -13.11 -7.59
CA PHE B 90 -20.38 -11.89 -7.06
C PHE B 90 -19.81 -11.02 -8.18
N VAL B 91 -19.13 -9.95 -7.80
CA VAL B 91 -18.57 -9.07 -8.80
C VAL B 91 -17.60 -8.08 -8.17
N PHE B 92 -16.37 -8.05 -8.66
CA PHE B 92 -15.38 -7.12 -8.12
C PHE B 92 -15.80 -5.69 -8.43
N ASP B 93 -16.45 -5.04 -7.47
CA ASP B 93 -16.91 -3.68 -7.67
C ASP B 93 -15.97 -2.58 -7.19
N ASP B 94 -14.69 -2.92 -7.02
CA ASP B 94 -13.72 -1.92 -6.63
C ASP B 94 -13.59 -0.94 -7.80
N ASP B 95 -13.48 0.34 -7.48
CA ASP B 95 -13.38 1.36 -8.52
C ASP B 95 -12.52 2.48 -7.97
N ASN B 96 -12.45 3.59 -8.69
CA ASN B 96 -11.68 4.74 -8.21
C ASN B 96 -12.66 5.59 -7.42
N PHE B 97 -12.34 5.85 -6.15
CA PHE B 97 -13.24 6.64 -5.33
C PHE B 97 -13.40 8.04 -5.86
N ILE B 98 -14.64 8.51 -5.81
CA ILE B 98 -15.00 9.85 -6.23
C ILE B 98 -15.24 10.60 -4.92
N TYR B 99 -14.45 11.65 -4.67
CA TYR B 99 -14.59 12.41 -3.43
C TYR B 99 -15.26 13.78 -3.60
N ILE B 100 -16.42 13.95 -2.97
CA ILE B 100 -17.16 15.21 -3.06
C ILE B 100 -17.18 16.02 -1.77
N ASP B 101 -17.00 17.33 -1.90
CA ASP B 101 -17.05 18.22 -0.74
C ASP B 101 -18.19 19.17 -1.01
N GLU B 102 -18.92 19.57 0.03
CA GLU B 102 -20.08 20.45 -0.17
C GLU B 102 -19.77 21.69 -1.01
N GLU B 103 -18.77 22.46 -0.62
CA GLU B 103 -18.39 23.66 -1.35
C GLU B 103 -17.71 23.36 -2.69
N ARG B 104 -16.48 22.88 -2.59
CA ARG B 104 -15.66 22.60 -3.74
C ARG B 104 -16.24 21.62 -4.76
N GLY B 105 -16.78 20.51 -4.29
CA GLY B 105 -17.32 19.52 -5.20
C GLY B 105 -16.37 18.33 -5.25
N ARG B 106 -16.03 17.87 -6.46
CA ARG B 106 -15.12 16.74 -6.61
C ARG B 106 -13.65 17.05 -6.43
N VAL B 107 -13.07 16.56 -5.33
CA VAL B 107 -11.66 16.78 -5.03
C VAL B 107 -10.82 15.50 -5.19
N ASP B 108 -11.32 14.55 -5.99
CA ASP B 108 -10.62 13.29 -6.19
C ASP B 108 -9.76 13.28 -7.44
N HIS B 109 -8.69 12.47 -7.42
CA HIS B 109 -7.77 12.37 -8.55
C HIS B 109 -7.67 13.79 -9.11
N ASP B 110 -7.17 14.70 -8.29
CA ASP B 110 -7.04 16.12 -8.64
C ASP B 110 -5.59 16.53 -8.88
N LYS B 111 -5.36 17.33 -9.92
CA LYS B 111 -4.00 17.77 -10.29
C LYS B 111 -3.29 18.71 -9.32
N GLU B 112 -4.05 19.39 -8.46
CA GLU B 112 -3.42 20.30 -7.49
C GLU B 112 -3.64 19.84 -6.06
N LEU B 113 -4.60 18.95 -5.84
CA LEU B 113 -4.85 18.46 -4.49
C LEU B 113 -4.11 17.15 -4.19
N LEU B 114 -4.01 16.29 -5.18
CA LEU B 114 -3.32 15.00 -5.04
C LEU B 114 -3.64 14.38 -3.70
N LEU B 115 -4.89 14.54 -3.29
CA LEU B 115 -5.34 14.01 -2.03
C LEU B 115 -4.99 12.55 -1.78
N GLU B 116 -5.33 11.68 -2.74
CA GLU B 116 -5.05 10.27 -2.55
C GLU B 116 -3.57 10.00 -2.29
N ILE B 117 -2.69 10.75 -2.94
CA ILE B 117 -1.25 10.55 -2.74
C ILE B 117 -0.80 10.88 -1.32
N VAL B 118 -1.37 11.90 -0.70
CA VAL B 118 -0.98 12.25 0.66
C VAL B 118 -1.65 11.31 1.65
N ASP B 119 -2.76 10.69 1.24
CA ASP B 119 -3.41 9.74 2.11
C ASP B 119 -2.44 8.56 2.28
N ASN B 120 -1.90 8.05 1.18
CA ASN B 120 -0.95 6.94 1.27
C ASN B 120 0.24 7.29 2.16
N GLU B 121 0.70 8.54 2.12
CA GLU B 121 1.82 8.95 2.98
C GLU B 121 1.34 8.96 4.41
N MET B 122 0.12 9.48 4.61
CA MET B 122 -0.52 9.56 5.90
C MET B 122 -0.61 8.11 6.42
N SER B 123 -0.96 7.18 5.53
CA SER B 123 -1.03 5.76 5.85
C SER B 123 0.34 5.27 6.33
N LYS B 124 1.35 5.46 5.49
CA LYS B 124 2.69 5.02 5.80
C LYS B 124 3.12 5.65 7.11
N PHE B 125 2.67 6.88 7.34
CA PHE B 125 3.00 7.60 8.57
C PHE B 125 2.53 6.76 9.75
N ALA B 126 1.26 6.40 9.72
CA ALA B 126 0.68 5.58 10.77
C ALA B 126 1.50 4.30 10.91
N GLU B 127 1.77 3.64 9.79
CA GLU B 127 2.53 2.40 9.80
C GLU B 127 3.85 2.57 10.55
N LEU B 128 4.56 3.66 10.30
CA LEU B 128 5.83 3.90 10.97
C LEU B 128 5.61 4.24 12.44
N GLU B 129 4.39 4.60 12.78
CA GLU B 129 4.08 4.95 14.15
C GLU B 129 3.92 3.70 15.01
N PHE B 130 3.37 2.64 14.40
CA PHE B 130 3.12 1.39 15.11
C PHE B 130 3.93 0.22 14.54
N HIS B 131 3.28 -0.62 13.74
CA HIS B 131 3.88 -1.80 13.10
C HIS B 131 5.31 -2.11 13.59
N GLN B 132 5.40 -2.98 14.59
CA GLN B 132 6.70 -3.31 15.14
C GLN B 132 7.10 -2.22 16.11
N HIS B 133 6.32 -2.07 17.18
CA HIS B 133 6.56 -1.07 18.21
C HIS B 133 5.97 -1.45 19.57
N LEU B 134 6.82 -1.89 20.47
CA LEU B 134 6.41 -2.26 21.82
C LEU B 134 6.40 -1.01 22.69
N GLY B 135 5.34 -0.83 23.46
CA GLY B 135 5.23 0.34 24.32
C GLY B 135 4.24 1.34 23.74
N VAL B 136 4.59 1.91 22.59
CA VAL B 136 3.76 2.89 21.87
C VAL B 136 2.27 2.85 22.27
N SER B 137 1.88 3.76 23.15
CA SER B 137 0.51 3.87 23.63
C SER B 137 -0.41 4.09 22.44
N ASP B 138 -1.71 4.14 22.66
CA ASP B 138 -2.61 4.32 21.53
C ASP B 138 -2.89 5.77 21.10
N CYS B 139 -4.14 6.22 21.26
CA CYS B 139 -4.62 7.55 20.88
C CYS B 139 -5.56 7.36 19.69
N SER B 140 -6.59 8.18 19.60
CA SER B 140 -7.58 8.09 18.54
C SER B 140 -7.02 8.30 17.15
N PHE B 141 -7.76 7.82 16.16
CA PHE B 141 -7.38 7.95 14.75
C PHE B 141 -7.35 9.45 14.45
N PHE B 142 -8.31 10.17 15.01
CA PHE B 142 -8.37 11.62 14.81
C PHE B 142 -7.08 12.26 15.27
N GLN B 143 -6.64 11.89 16.47
CA GLN B 143 -5.40 12.43 16.98
C GLN B 143 -4.27 12.17 15.98
N LEU B 144 -4.13 10.92 15.54
CA LEU B 144 -3.09 10.54 14.59
C LEU B 144 -3.12 11.37 13.31
N VAL B 145 -4.29 11.58 12.73
CA VAL B 145 -4.43 12.40 11.51
C VAL B 145 -4.00 13.84 11.81
N MET B 146 -4.09 14.24 13.07
CA MET B 146 -3.68 15.58 13.45
C MET B 146 -2.17 15.61 13.61
N LYS B 147 -1.61 14.55 14.18
CA LYS B 147 -0.16 14.49 14.37
C LYS B 147 0.56 14.54 13.03
N TYR B 148 0.06 13.78 12.06
CA TYR B 148 0.66 13.78 10.73
C TYR B 148 0.58 15.20 10.19
N LEU B 149 -0.61 15.78 10.18
CA LEU B 149 -0.80 17.14 9.68
C LEU B 149 0.19 18.11 10.30
N LEU B 150 0.56 17.88 11.55
CA LEU B 150 1.48 18.78 12.26
C LEU B 150 2.94 18.51 11.93
N GLN B 151 3.35 17.25 11.99
CA GLN B 151 4.71 16.85 11.72
C GLN B 151 5.09 16.97 10.22
N ARG B 152 4.15 17.32 9.36
CA ARG B 152 4.43 17.42 7.93
C ARG B 152 3.82 18.64 7.27
N ARG B 153 3.40 19.61 8.08
CA ARG B 153 2.80 20.83 7.56
C ARG B 153 3.69 21.54 6.53
N GLN B 154 5.02 21.36 6.67
CA GLN B 154 5.97 22.00 5.75
C GLN B 154 5.88 21.49 4.32
N PHE B 155 5.09 20.45 4.10
CA PHE B 155 5.02 19.89 2.76
C PHE B 155 3.60 19.62 2.32
N LEU B 156 2.66 20.35 2.92
CA LEU B 156 1.25 20.22 2.59
C LEU B 156 0.73 21.59 2.26
N THR B 157 0.01 21.71 1.15
CA THR B 157 -0.55 22.99 0.75
C THR B 157 -1.68 23.32 1.72
N ASN B 158 -2.19 24.53 1.66
CA ASN B 158 -3.28 24.91 2.56
C ASN B 158 -4.50 24.04 2.31
N ASP B 159 -4.76 23.73 1.06
CA ASP B 159 -5.91 22.90 0.72
C ASP B 159 -5.74 21.44 1.10
N GLN B 160 -4.49 20.97 1.14
CA GLN B 160 -4.28 19.59 1.52
C GLN B 160 -4.61 19.47 3.01
N ILE B 161 -3.97 20.31 3.83
CA ILE B 161 -4.19 20.28 5.27
C ILE B 161 -5.67 20.40 5.63
N ARG B 162 -6.46 21.02 4.77
CA ARG B 162 -7.87 21.18 5.07
C ARG B 162 -8.68 19.99 4.59
N TYR B 163 -8.61 19.72 3.30
CA TYR B 163 -9.36 18.62 2.71
C TYR B 163 -8.82 17.22 2.92
N LEU B 164 -7.57 17.06 3.33
CA LEU B 164 -7.06 15.72 3.51
C LEU B 164 -7.72 14.95 4.64
N PRO B 165 -7.57 15.44 5.89
CA PRO B 165 -8.17 14.75 7.03
C PRO B 165 -9.62 14.34 6.86
N GLN B 166 -10.36 15.02 5.98
CA GLN B 166 -11.74 14.64 5.76
C GLN B 166 -11.82 13.40 4.87
N LEU B 167 -10.98 13.35 3.84
CA LEU B 167 -10.97 12.20 2.95
C LEU B 167 -10.43 10.99 3.69
N CYS B 168 -9.44 11.25 4.52
CA CYS B 168 -8.78 10.27 5.35
C CYS B 168 -9.78 9.44 6.14
N ARG B 169 -10.89 10.08 6.49
CA ARG B 169 -11.93 9.46 7.30
C ARG B 169 -12.85 8.45 6.62
N TYR B 170 -12.64 8.16 5.35
CA TYR B 170 -13.48 7.16 4.71
C TYR B 170 -13.26 5.87 5.52
N LEU B 171 -12.16 5.83 6.27
CA LEU B 171 -11.85 4.65 7.08
C LEU B 171 -12.88 4.42 8.16
N GLU B 172 -13.55 5.47 8.59
CA GLU B 172 -14.55 5.32 9.63
C GLU B 172 -15.55 4.27 9.21
N LEU B 173 -15.84 4.23 7.90
CA LEU B 173 -16.79 3.27 7.35
C LEU B 173 -16.28 1.83 7.20
N TRP B 174 -15.01 1.60 7.53
CA TRP B 174 -14.46 0.25 7.47
C TRP B 174 -14.73 -0.30 8.85
N HIS B 175 -14.43 0.53 9.83
CA HIS B 175 -14.54 0.21 11.25
C HIS B 175 -15.91 0.36 11.89
N GLY B 176 -16.69 1.32 11.39
CA GLY B 176 -18.01 1.58 11.93
C GLY B 176 -17.94 2.58 13.07
N LEU B 177 -16.75 3.09 13.35
CA LEU B 177 -16.58 4.08 14.41
C LEU B 177 -16.09 5.40 13.88
N ASP B 178 -16.53 6.47 14.53
CA ASP B 178 -16.14 7.83 14.20
C ASP B 178 -14.68 7.99 14.60
N TRP B 179 -13.91 8.70 13.78
CA TRP B 179 -12.49 8.88 14.03
C TRP B 179 -12.04 9.30 15.41
N LYS B 180 -12.97 9.78 16.24
CA LYS B 180 -12.61 10.20 17.59
C LYS B 180 -12.80 9.01 18.54
N LEU B 181 -13.53 8.02 18.09
CA LEU B 181 -13.77 6.83 18.89
C LEU B 181 -12.81 5.73 18.46
N LEU B 182 -12.45 5.76 17.19
CA LEU B 182 -11.56 4.77 16.61
C LEU B 182 -10.12 4.81 17.14
N SER B 183 -9.57 3.62 17.41
CA SER B 183 -8.21 3.48 17.91
C SER B 183 -7.22 3.52 16.76
N ALA B 184 -6.30 4.47 16.79
CA ALA B 184 -5.32 4.58 15.73
C ALA B 184 -4.59 3.27 15.45
N LYS B 185 -3.96 2.72 16.47
CA LYS B 185 -3.21 1.49 16.35
C LYS B 185 -3.94 0.45 15.52
N ASP B 186 -5.23 0.65 15.34
CA ASP B 186 -6.01 -0.31 14.60
C ASP B 186 -6.69 0.23 13.34
N THR B 187 -6.66 1.54 13.14
CA THR B 187 -7.30 2.13 11.96
C THR B 187 -6.80 1.50 10.67
N TYR B 188 -5.51 1.65 10.42
CA TYR B 188 -4.91 1.12 9.20
C TYR B 188 -4.60 -0.36 9.22
N PHE B 189 -5.22 -1.07 8.29
CA PHE B 189 -4.96 -2.50 8.14
C PHE B 189 -4.94 -2.91 6.66
N GLY B 190 -4.15 -3.93 6.36
CA GLY B 190 -4.01 -4.39 4.99
C GLY B 190 -5.14 -5.23 4.43
N HIS B 191 -5.35 -5.10 3.12
CA HIS B 191 -6.39 -5.85 2.40
C HIS B 191 -5.73 -6.83 1.45
N GLN B 192 -5.92 -8.12 1.69
CA GLN B 192 -5.34 -9.14 0.84
C GLN B 192 -6.09 -9.27 -0.48
N GLY B 193 -5.95 -8.28 -1.35
CA GLY B 193 -6.63 -8.33 -2.62
C GLY B 193 -7.86 -7.43 -2.71
N ARG B 194 -8.49 -7.48 -3.87
CA ARG B 194 -9.68 -6.71 -4.15
C ARG B 194 -10.87 -7.28 -3.40
N ASN B 195 -11.96 -6.53 -3.37
CA ASN B 195 -13.19 -6.97 -2.70
C ASN B 195 -14.13 -7.54 -3.75
N ALA B 196 -14.99 -8.45 -3.34
CA ALA B 196 -15.94 -9.04 -4.26
C ALA B 196 -17.32 -8.76 -3.67
N PHE B 197 -18.09 -7.91 -4.33
CA PHE B 197 -19.43 -7.57 -3.87
C PHE B 197 -20.31 -8.79 -4.10
N ALA B 198 -20.95 -9.26 -3.03
CA ALA B 198 -21.80 -10.45 -3.09
C ALA B 198 -23.14 -10.20 -3.74
N LEU B 199 -23.43 -10.95 -4.80
CA LEU B 199 -24.71 -10.82 -5.47
C LEU B 199 -25.69 -11.78 -4.83
N ASN B 200 -26.04 -11.44 -3.60
CA ASN B 200 -26.93 -12.23 -2.80
C ASN B 200 -25.98 -12.92 -1.84
N TYR B 201 -25.82 -12.36 -0.64
CA TYR B 201 -24.97 -13.01 0.34
C TYR B 201 -25.87 -14.12 0.90
N ASP B 202 -27.17 -13.89 0.86
CA ASP B 202 -28.11 -14.88 1.37
C ASP B 202 -27.98 -16.13 0.49
N SER B 203 -27.48 -15.91 -0.71
CA SER B 203 -27.26 -16.99 -1.66
C SER B 203 -26.21 -17.93 -1.06
N VAL B 204 -25.29 -17.34 -0.31
CA VAL B 204 -24.24 -18.09 0.36
C VAL B 204 -24.81 -18.75 1.61
N VAL B 205 -25.56 -17.97 2.38
CA VAL B 205 -26.15 -18.47 3.63
C VAL B 205 -26.92 -19.77 3.41
N GLN B 206 -27.72 -19.79 2.36
CA GLN B 206 -28.54 -20.94 2.02
C GLN B 206 -27.69 -22.12 1.57
N ARG B 207 -26.71 -21.87 0.72
CA ARG B 207 -25.87 -22.99 0.30
C ARG B 207 -25.41 -23.75 1.54
N ILE B 208 -24.88 -23.04 2.51
CA ILE B 208 -24.39 -23.69 3.72
C ILE B 208 -25.51 -24.32 4.55
N ALA B 209 -26.68 -23.68 4.57
CA ALA B 209 -27.79 -24.18 5.37
C ALA B 209 -28.39 -25.45 4.77
N GLN B 210 -28.23 -25.63 3.48
CA GLN B 210 -28.76 -26.84 2.86
C GLN B 210 -27.74 -27.98 2.84
N SER B 211 -26.56 -27.75 3.40
CA SER B 211 -25.53 -28.76 3.40
C SER B 211 -25.56 -29.70 4.60
N PHE B 212 -26.59 -29.61 5.42
CA PHE B 212 -26.69 -30.51 6.56
C PHE B 212 -28.16 -30.83 6.88
N PRO B 213 -28.42 -31.94 7.59
CA PRO B 213 -29.80 -32.30 7.91
C PRO B 213 -30.69 -31.09 8.18
N GLN B 214 -31.77 -31.00 7.43
CA GLN B 214 -32.68 -29.87 7.60
C GLN B 214 -33.45 -29.91 8.90
N ASN B 215 -33.41 -31.02 9.61
CA ASN B 215 -34.14 -31.14 10.85
C ASN B 215 -33.27 -30.76 12.01
N TRP B 216 -32.03 -30.42 11.70
CA TRP B 216 -31.08 -30.03 12.74
C TRP B 216 -31.43 -28.62 13.18
N LEU B 217 -31.95 -27.88 12.21
CA LEU B 217 -32.32 -26.49 12.35
C LEU B 217 -33.67 -26.24 12.99
N LYS B 218 -33.65 -25.62 14.15
CA LYS B 218 -34.88 -25.28 14.88
C LYS B 218 -34.88 -23.76 15.10
N LEU B 219 -35.58 -23.04 14.23
CA LEU B 219 -35.64 -21.60 14.37
C LEU B 219 -36.57 -21.13 15.49
N SER B 220 -36.55 -19.83 15.76
CA SER B 220 -37.39 -19.23 16.79
C SER B 220 -37.21 -19.79 18.19
N CYS B 221 -36.02 -20.27 18.52
CA CYS B 221 -35.77 -20.75 19.88
C CYS B 221 -34.72 -19.85 20.47
N GLU B 222 -35.08 -19.10 21.48
CA GLU B 222 -34.12 -18.22 22.14
C GLU B 222 -33.53 -19.02 23.28
N VAL B 223 -32.22 -19.17 23.31
CA VAL B 223 -31.60 -19.93 24.37
C VAL B 223 -31.44 -19.03 25.58
N LYS B 224 -32.11 -19.41 26.66
CA LYS B 224 -32.06 -18.65 27.90
C LYS B 224 -30.85 -19.03 28.77
N SER B 225 -30.54 -20.32 28.85
CA SER B 225 -29.42 -20.77 29.67
C SER B 225 -28.61 -21.97 29.17
N ILE B 226 -27.34 -21.99 29.55
CA ILE B 226 -26.43 -23.06 29.19
C ILE B 226 -25.74 -23.50 30.48
N THR B 227 -25.94 -24.78 30.82
CA THR B 227 -25.37 -25.32 32.04
C THR B 227 -24.50 -26.54 31.79
N ARG B 228 -23.34 -26.56 32.44
CA ARG B 228 -22.44 -27.68 32.33
C ARG B 228 -22.70 -28.60 33.52
N GLU B 229 -23.18 -29.80 33.19
CA GLU B 229 -23.48 -30.83 34.18
C GLU B 229 -22.16 -31.43 34.69
N PRO B 230 -21.99 -31.49 36.02
CA PRO B 230 -20.74 -32.06 36.54
C PRO B 230 -20.40 -33.43 35.92
N SER B 231 -21.40 -34.04 35.29
CA SER B 231 -21.22 -35.34 34.65
C SER B 231 -20.66 -35.20 33.23
N LYS B 232 -20.05 -34.06 32.95
CA LYS B 232 -19.47 -33.82 31.65
C LYS B 232 -20.44 -33.56 30.49
N ASN B 233 -21.61 -32.98 30.79
CA ASN B 233 -22.56 -32.67 29.74
C ASN B 233 -23.12 -31.26 29.86
N VAL B 234 -23.57 -30.72 28.73
CA VAL B 234 -24.09 -29.37 28.73
C VAL B 234 -25.59 -29.37 28.45
N THR B 235 -26.34 -28.71 29.31
CA THR B 235 -27.79 -28.60 29.15
C THR B 235 -28.15 -27.21 28.66
N VAL B 236 -28.97 -27.16 27.60
CA VAL B 236 -29.39 -25.91 27.01
C VAL B 236 -30.90 -25.77 27.08
N ASN B 237 -31.37 -24.56 27.43
CA ASN B 237 -32.80 -24.32 27.55
C ASN B 237 -33.29 -23.25 26.61
N CYS B 238 -34.35 -23.56 25.85
CA CYS B 238 -34.96 -22.56 24.97
C CYS B 238 -36.00 -21.84 25.86
N GLU B 239 -36.36 -20.62 25.51
CA GLU B 239 -37.33 -19.87 26.31
C GLU B 239 -38.68 -20.59 26.30
N ASP B 240 -39.06 -21.16 25.16
CA ASP B 240 -40.34 -21.86 25.06
C ASP B 240 -40.37 -23.05 26.00
N GLY B 241 -39.28 -23.26 26.74
CA GLY B 241 -39.24 -24.36 27.69
C GLY B 241 -38.49 -25.64 27.33
N THR B 242 -38.50 -26.03 26.06
CA THR B 242 -37.81 -27.25 25.64
C THR B 242 -36.40 -27.28 26.23
N VAL B 243 -35.95 -28.46 26.62
CA VAL B 243 -34.63 -28.60 27.21
C VAL B 243 -33.84 -29.67 26.46
N TYR B 244 -32.54 -29.43 26.31
CA TYR B 244 -31.66 -30.35 25.60
C TYR B 244 -30.39 -30.62 26.35
N ASN B 245 -29.88 -31.84 26.18
CA ASN B 245 -28.62 -32.22 26.78
C ASN B 245 -27.71 -32.47 25.57
N ALA B 246 -26.46 -32.06 25.67
CA ALA B 246 -25.52 -32.25 24.57
C ALA B 246 -24.10 -32.38 25.08
N ASP B 247 -23.32 -33.20 24.42
CA ASP B 247 -21.95 -33.42 24.82
C ASP B 247 -21.13 -32.14 24.64
N TYR B 248 -21.31 -31.48 23.51
CA TYR B 248 -20.61 -30.22 23.24
C TYR B 248 -21.58 -29.15 22.76
N VAL B 249 -21.18 -27.90 22.90
CA VAL B 249 -21.98 -26.79 22.41
C VAL B 249 -21.06 -25.75 21.81
N ILE B 250 -21.44 -25.20 20.68
CA ILE B 250 -20.67 -24.15 20.03
C ILE B 250 -21.53 -22.89 20.09
N ILE B 251 -21.13 -21.96 20.94
CA ILE B 251 -21.85 -20.70 21.11
C ILE B 251 -21.40 -19.63 20.10
N THR B 252 -22.34 -19.14 19.28
CA THR B 252 -22.00 -18.18 18.26
C THR B 252 -22.80 -16.86 18.35
N VAL B 253 -23.28 -16.51 19.53
CA VAL B 253 -24.03 -15.28 19.66
C VAL B 253 -23.06 -14.13 19.48
N PRO B 254 -23.56 -12.96 19.06
CA PRO B 254 -22.69 -11.81 18.85
C PRO B 254 -21.96 -11.43 20.12
N GLN B 255 -20.77 -10.85 19.96
CA GLN B 255 -19.97 -10.44 21.11
C GLN B 255 -20.82 -9.59 22.05
N SER B 256 -21.64 -8.71 21.48
CA SER B 256 -22.54 -7.86 22.24
C SER B 256 -23.55 -8.71 23.03
N VAL B 257 -24.22 -9.64 22.36
CA VAL B 257 -25.18 -10.49 23.05
C VAL B 257 -24.52 -11.34 24.13
N LEU B 258 -23.29 -11.80 23.87
CA LEU B 258 -22.60 -12.63 24.85
C LEU B 258 -22.22 -11.79 26.06
N ASN B 259 -21.99 -10.50 25.82
CA ASN B 259 -21.62 -9.59 26.89
C ASN B 259 -22.75 -9.44 27.91
N LEU B 260 -23.99 -9.64 27.48
CA LEU B 260 -25.13 -9.52 28.37
C LEU B 260 -25.03 -10.55 29.49
N SER B 261 -24.13 -11.50 29.36
CA SER B 261 -24.00 -12.55 30.36
C SER B 261 -23.24 -12.13 31.60
N VAL B 262 -22.40 -11.11 31.48
CA VAL B 262 -21.62 -10.61 32.60
C VAL B 262 -22.41 -9.58 33.38
N GLN B 263 -23.72 -9.68 33.35
CA GLN B 263 -24.56 -8.70 34.04
C GLN B 263 -25.80 -9.34 34.65
N PRO B 264 -26.53 -8.58 35.49
CA PRO B 264 -27.75 -9.07 36.13
C PRO B 264 -28.85 -9.06 35.09
N GLU B 265 -30.10 -9.19 35.52
CA GLU B 265 -31.21 -9.17 34.59
C GLU B 265 -31.10 -10.30 33.57
N LYS B 266 -31.82 -11.39 33.82
CA LYS B 266 -31.80 -12.53 32.92
C LYS B 266 -33.00 -12.39 31.97
N ASN B 267 -33.57 -11.19 31.93
CA ASN B 267 -34.70 -10.92 31.07
C ASN B 267 -34.37 -9.92 29.96
N LEU B 268 -33.13 -9.99 29.46
CA LEU B 268 -32.67 -9.12 28.37
C LEU B 268 -32.66 -9.97 27.11
N ARG B 269 -33.51 -9.67 26.14
CA ARG B 269 -33.55 -10.46 24.91
C ARG B 269 -32.15 -10.88 24.43
N GLY B 270 -31.99 -12.16 24.15
CA GLY B 270 -30.73 -12.68 23.67
C GLY B 270 -29.82 -13.27 24.73
N ARG B 271 -29.76 -12.64 25.89
CA ARG B 271 -28.89 -13.08 26.96
C ARG B 271 -28.99 -14.56 27.37
N ILE B 272 -27.82 -15.15 27.64
CA ILE B 272 -27.73 -16.53 28.09
C ILE B 272 -27.15 -16.53 29.51
N GLU B 273 -27.78 -17.32 30.39
CA GLU B 273 -27.35 -17.47 31.76
C GLU B 273 -26.37 -18.65 31.78
N PHE B 274 -25.12 -18.38 32.11
CA PHE B 274 -24.07 -19.41 32.13
C PHE B 274 -23.79 -20.04 33.50
N GLN B 275 -23.85 -21.36 33.58
CA GLN B 275 -23.56 -22.05 34.84
C GLN B 275 -22.60 -23.21 34.61
N PRO B 276 -21.39 -23.12 35.17
CA PRO B 276 -20.97 -21.97 35.97
C PRO B 276 -20.82 -20.76 35.04
N PRO B 277 -20.81 -19.53 35.59
CA PRO B 277 -20.68 -18.30 34.80
C PRO B 277 -19.35 -18.19 34.07
N LEU B 278 -19.39 -17.51 32.92
CA LEU B 278 -18.21 -17.32 32.08
C LEU B 278 -16.93 -17.05 32.87
N LYS B 279 -15.83 -17.67 32.44
CA LYS B 279 -14.55 -17.51 33.11
C LYS B 279 -14.14 -16.05 33.20
N PRO B 280 -13.51 -15.67 34.32
CA PRO B 280 -13.07 -14.29 34.54
C PRO B 280 -12.13 -13.79 33.45
N VAL B 281 -11.56 -14.73 32.69
CA VAL B 281 -10.65 -14.34 31.62
C VAL B 281 -11.47 -13.87 30.41
N ILE B 282 -12.69 -14.37 30.31
CA ILE B 282 -13.57 -14.02 29.21
C ILE B 282 -14.23 -12.66 29.42
N GLN B 283 -15.02 -12.54 30.49
CA GLN B 283 -15.70 -11.28 30.77
C GLN B 283 -14.76 -10.09 30.77
N ASP B 284 -13.57 -10.31 31.30
CA ASP B 284 -12.58 -9.26 31.39
C ASP B 284 -12.01 -8.90 30.03
N ALA B 285 -12.15 -9.80 29.06
CA ALA B 285 -11.65 -9.54 27.70
C ALA B 285 -12.58 -8.50 27.09
N PHE B 286 -13.83 -8.52 27.56
CA PHE B 286 -14.86 -7.61 27.12
C PHE B 286 -14.46 -6.15 27.30
N ASP B 287 -13.66 -5.87 28.34
CA ASP B 287 -13.24 -4.50 28.61
C ASP B 287 -12.30 -3.99 27.51
N LYS B 288 -11.39 -4.86 27.04
CA LYS B 288 -10.41 -4.48 26.03
C LYS B 288 -10.82 -4.56 24.55
N ILE B 289 -12.07 -4.90 24.29
CA ILE B 289 -12.55 -4.97 22.91
C ILE B 289 -13.96 -4.40 22.94
N HIS B 290 -14.39 -3.76 21.86
CA HIS B 290 -15.73 -3.18 21.82
C HIS B 290 -16.48 -3.45 20.53
N PHE B 291 -17.64 -2.81 20.39
CA PHE B 291 -18.49 -3.02 19.22
C PHE B 291 -18.63 -1.79 18.34
N GLY B 292 -18.70 -2.01 17.03
CA GLY B 292 -18.86 -0.89 16.11
C GLY B 292 -20.30 -0.82 15.64
N ALA B 293 -20.63 0.18 14.85
CA ALA B 293 -21.98 0.27 14.36
C ALA B 293 -22.03 0.69 12.91
N LEU B 294 -21.62 -0.20 12.01
CA LEU B 294 -21.66 0.16 10.60
C LEU B 294 -23.14 0.12 10.27
N GLY B 295 -23.63 1.14 9.57
CA GLY B 295 -25.05 1.18 9.23
C GLY B 295 -25.23 1.39 7.74
N LYS B 296 -26.38 1.02 7.21
CA LYS B 296 -26.61 1.18 5.78
C LYS B 296 -27.98 1.81 5.48
N VAL B 297 -28.03 2.57 4.39
CA VAL B 297 -29.26 3.22 3.97
C VAL B 297 -29.35 3.01 2.47
N ILE B 298 -30.33 2.23 2.01
CA ILE B 298 -30.48 1.99 0.59
C ILE B 298 -31.41 3.03 0.00
N PHE B 299 -30.91 3.78 -0.99
CA PHE B 299 -31.72 4.79 -1.64
C PHE B 299 -32.12 4.29 -3.00
N GLU B 300 -33.34 3.78 -3.12
CA GLU B 300 -33.84 3.25 -4.38
C GLU B 300 -34.45 4.33 -5.27
N PHE B 301 -33.93 4.47 -6.48
CA PHE B 301 -34.43 5.45 -7.42
C PHE B 301 -35.17 4.68 -8.52
N GLU B 302 -36.02 5.36 -9.27
CA GLU B 302 -36.78 4.75 -10.35
C GLU B 302 -35.91 4.25 -11.52
N GLU B 303 -35.14 5.15 -12.13
CA GLU B 303 -34.27 4.79 -13.25
C GLU B 303 -32.84 5.29 -13.05
N CYS B 304 -31.89 4.72 -13.79
CA CYS B 304 -30.49 5.11 -13.69
C CYS B 304 -30.22 6.44 -14.40
N CYS B 305 -30.64 7.56 -13.82
CA CYS B 305 -30.40 8.85 -14.46
C CYS B 305 -29.24 9.65 -13.86
N TRP B 306 -28.04 9.06 -13.91
CA TRP B 306 -26.83 9.69 -13.39
C TRP B 306 -25.59 9.01 -13.95
N SER B 307 -24.46 9.70 -13.89
CA SER B 307 -23.20 9.19 -14.40
C SER B 307 -22.62 8.02 -13.62
N ASN B 308 -22.25 6.96 -14.33
CA ASN B 308 -21.65 5.81 -13.69
C ASN B 308 -20.15 5.84 -13.90
N GLU B 309 -19.53 6.98 -13.61
CA GLU B 309 -18.09 7.11 -13.77
C GLU B 309 -17.40 6.15 -12.82
N SER B 310 -18.05 5.90 -11.69
CA SER B 310 -17.49 5.03 -10.66
C SER B 310 -18.63 4.39 -9.88
N SER B 311 -18.30 3.60 -8.88
CA SER B 311 -19.32 2.95 -8.08
C SER B 311 -19.06 3.27 -6.61
N LYS B 312 -17.90 3.84 -6.33
CA LYS B 312 -17.54 4.20 -4.98
C LYS B 312 -17.48 5.72 -4.88
N ILE B 313 -18.37 6.28 -4.07
CA ILE B 313 -18.46 7.72 -3.88
C ILE B 313 -18.47 8.02 -2.39
N VAL B 314 -17.61 8.91 -1.93
CA VAL B 314 -17.61 9.26 -0.52
C VAL B 314 -17.78 10.76 -0.41
N THR B 315 -18.67 11.21 0.47
CA THR B 315 -18.87 12.64 0.65
C THR B 315 -18.08 13.01 1.89
N LEU B 316 -17.18 13.96 1.73
CA LEU B 316 -16.33 14.42 2.84
C LEU B 316 -17.17 15.27 3.77
N ALA B 317 -16.84 15.27 5.06
CA ALA B 317 -17.58 16.09 5.98
C ALA B 317 -17.36 17.56 5.60
N ASN B 318 -17.31 18.43 6.59
CA ASN B 318 -17.07 19.84 6.34
C ASN B 318 -15.82 20.27 7.08
N SER B 319 -14.99 21.04 6.39
CA SER B 319 -13.74 21.51 6.97
C SER B 319 -13.70 23.03 6.85
N THR B 320 -12.91 23.65 7.72
CA THR B 320 -12.80 25.10 7.68
C THR B 320 -11.36 25.55 7.50
N ASN B 321 -11.18 26.69 6.84
CA ASN B 321 -9.85 27.24 6.63
C ASN B 321 -9.26 27.68 7.96
N GLU B 322 -10.11 27.96 8.96
CA GLU B 322 -9.62 28.35 10.28
C GLU B 322 -8.84 27.16 10.82
N PHE B 323 -9.19 25.96 10.34
CA PHE B 323 -8.49 24.75 10.75
C PHE B 323 -7.06 24.85 10.21
N VAL B 324 -6.95 25.05 8.89
CA VAL B 324 -5.66 25.18 8.23
C VAL B 324 -4.74 26.06 9.06
N GLU B 325 -5.25 27.23 9.44
CA GLU B 325 -4.52 28.20 10.24
C GLU B 325 -4.12 27.66 11.60
N ILE B 326 -5.03 26.97 12.29
CA ILE B 326 -4.72 26.42 13.59
C ILE B 326 -3.57 25.46 13.45
N VAL B 327 -3.62 24.66 12.40
CA VAL B 327 -2.54 23.73 12.12
C VAL B 327 -1.33 24.59 11.74
N ARG B 328 -1.59 25.73 11.11
CA ARG B 328 -0.55 26.66 10.68
C ARG B 328 0.08 27.46 11.84
N ASN B 329 -0.61 27.51 12.98
CA ASN B 329 -0.11 28.28 14.12
C ASN B 329 0.40 27.44 15.29
N ALA B 330 -0.28 26.35 15.60
CA ALA B 330 0.13 25.50 16.71
C ALA B 330 1.63 25.38 16.88
N GLU B 331 2.12 25.65 18.08
CA GLU B 331 3.56 25.54 18.35
C GLU B 331 3.92 24.08 18.65
N ASN B 332 3.08 23.39 19.42
CA ASN B 332 3.32 22.01 19.76
C ASN B 332 2.07 21.16 19.52
N LEU B 333 2.16 19.86 19.81
CA LEU B 333 1.07 18.92 19.62
C LEU B 333 -0.11 19.21 20.54
N ASP B 334 0.20 19.29 21.84
CA ASP B 334 -0.83 19.54 22.85
C ASP B 334 -1.56 20.85 22.63
N GLU B 335 -0.83 21.87 22.19
CA GLU B 335 -1.45 23.16 21.94
C GLU B 335 -2.56 22.94 20.93
N LEU B 336 -2.24 22.27 19.82
CA LEU B 336 -3.23 21.97 18.79
C LEU B 336 -4.39 21.17 19.35
N ASP B 337 -4.07 20.09 20.04
CA ASP B 337 -5.09 19.23 20.65
C ASP B 337 -5.98 20.14 21.49
N SER B 338 -5.34 20.97 22.32
CA SER B 338 -6.07 21.89 23.16
C SER B 338 -6.92 22.79 22.28
N MET B 339 -6.33 23.91 21.85
CA MET B 339 -7.00 24.90 21.01
C MET B 339 -8.29 24.47 20.33
N LEU B 340 -8.14 23.68 19.27
CA LEU B 340 -9.26 23.17 18.48
C LEU B 340 -10.58 23.04 19.25
N GLU B 341 -10.52 22.53 20.46
CA GLU B 341 -11.70 22.33 21.31
C GLU B 341 -12.76 23.42 21.12
N ARG B 342 -12.29 24.64 20.83
CA ARG B 342 -13.16 25.80 20.62
C ARG B 342 -14.61 25.38 20.32
N GLU B 343 -15.52 25.75 21.22
CA GLU B 343 -16.94 25.43 21.06
C GLU B 343 -17.74 26.63 20.57
N THR B 349 -24.54 23.39 15.61
CA THR B 349 -24.06 22.37 16.55
C THR B 349 -24.80 21.05 16.41
N SER B 350 -25.74 20.98 15.46
CA SER B 350 -26.49 19.76 15.22
C SER B 350 -25.79 18.93 14.16
N VAL B 351 -26.13 17.65 14.11
CA VAL B 351 -25.55 16.76 13.12
C VAL B 351 -26.42 16.78 11.89
N THR B 352 -25.79 16.88 10.73
CA THR B 352 -26.50 16.90 9.46
C THR B 352 -25.73 15.96 8.56
N CYS B 353 -26.20 15.77 7.34
CA CYS B 353 -25.52 14.84 6.45
C CYS B 353 -24.09 15.23 6.12
N TRP B 354 -23.65 16.40 6.58
CA TRP B 354 -22.29 16.86 6.32
C TRP B 354 -21.40 16.86 7.55
N SER B 355 -21.91 16.33 8.66
CA SER B 355 -21.12 16.33 9.87
C SER B 355 -20.17 15.13 10.01
N GLN B 356 -20.12 14.30 8.98
CA GLN B 356 -19.24 13.13 8.97
C GLN B 356 -19.20 12.59 7.56
N PRO B 357 -18.16 11.82 7.23
CA PRO B 357 -18.03 11.24 5.90
C PRO B 357 -19.12 10.21 5.66
N LEU B 358 -19.64 10.15 4.44
CA LEU B 358 -20.65 9.18 4.13
C LEU B 358 -20.18 8.45 2.89
N PHE B 359 -20.19 7.12 2.98
CA PHE B 359 -19.74 6.25 1.89
C PHE B 359 -20.91 5.72 1.07
N PHE B 360 -20.97 6.13 -0.18
CA PHE B 360 -22.05 5.72 -1.08
C PHE B 360 -21.54 4.73 -2.11
N VAL B 361 -22.26 3.63 -2.29
CA VAL B 361 -21.89 2.64 -3.28
C VAL B 361 -22.90 2.73 -4.40
N ASN B 362 -22.49 3.33 -5.52
CA ASN B 362 -23.36 3.47 -6.67
C ASN B 362 -23.59 2.13 -7.39
N LEU B 363 -24.60 1.39 -6.96
CA LEU B 363 -24.91 0.09 -7.55
C LEU B 363 -25.34 0.15 -9.00
N SER B 364 -25.51 1.35 -9.55
CA SER B 364 -25.98 1.44 -10.91
C SER B 364 -24.92 1.15 -11.93
N LYS B 365 -23.67 1.02 -11.48
CA LYS B 365 -22.59 0.69 -12.39
C LYS B 365 -22.16 -0.73 -12.13
N SER B 366 -22.23 -1.13 -10.86
CA SER B 366 -21.80 -2.45 -10.46
C SER B 366 -22.84 -3.54 -10.60
N THR B 367 -24.11 -3.20 -10.43
CA THR B 367 -25.17 -4.19 -10.49
C THR B 367 -26.31 -3.82 -11.43
N GLY B 368 -26.16 -2.70 -12.14
CA GLY B 368 -27.18 -2.25 -13.06
C GLY B 368 -28.50 -1.91 -12.38
N VAL B 369 -28.43 -1.56 -11.12
CA VAL B 369 -29.65 -1.25 -10.39
C VAL B 369 -29.63 0.23 -9.98
N ALA B 370 -30.75 0.91 -10.20
CA ALA B 370 -30.83 2.33 -9.87
C ALA B 370 -30.95 2.62 -8.39
N SER B 371 -29.97 2.21 -7.60
CA SER B 371 -30.03 2.50 -6.17
C SER B 371 -28.67 2.85 -5.62
N PHE B 372 -28.67 3.46 -4.45
CA PHE B 372 -27.43 3.84 -3.78
C PHE B 372 -27.38 3.12 -2.43
N MET B 373 -26.27 2.42 -2.16
CA MET B 373 -26.09 1.72 -0.88
C MET B 373 -25.07 2.54 -0.12
N MET B 374 -25.52 3.22 0.91
CA MET B 374 -24.65 4.07 1.70
C MET B 374 -24.29 3.53 3.06
N LEU B 375 -23.05 3.74 3.47
CA LEU B 375 -22.60 3.26 4.76
C LEU B 375 -22.39 4.38 5.77
N MET B 376 -22.97 4.24 6.94
CA MET B 376 -22.81 5.24 7.98
C MET B 376 -22.03 4.63 9.11
N GLN B 377 -21.60 5.45 10.04
CA GLN B 377 -20.82 4.97 11.16
C GLN B 377 -21.41 5.47 12.47
N ALA B 378 -20.86 4.99 13.59
CA ALA B 378 -21.30 5.45 14.89
C ALA B 378 -20.70 6.87 15.00
N PRO B 379 -21.43 7.83 15.57
CA PRO B 379 -22.77 7.72 16.14
C PRO B 379 -23.94 7.90 15.19
N LEU B 380 -23.71 8.41 13.99
CA LEU B 380 -24.83 8.61 13.10
C LEU B 380 -25.72 7.37 12.91
N THR B 381 -25.13 6.19 13.03
CA THR B 381 -25.87 4.93 12.83
C THR B 381 -27.04 4.75 13.77
N ASN B 382 -26.78 4.85 15.06
CA ASN B 382 -27.85 4.65 16.02
C ASN B 382 -28.93 5.69 15.78
N HIS B 383 -28.52 6.93 15.54
CA HIS B 383 -29.47 8.00 15.27
C HIS B 383 -30.29 7.65 14.06
N ILE B 384 -29.65 7.46 12.91
CA ILE B 384 -30.40 7.13 11.69
C ILE B 384 -31.22 5.85 11.87
N GLU B 385 -30.69 4.86 12.57
CA GLU B 385 -31.46 3.63 12.74
C GLU B 385 -32.63 3.86 13.69
N SER B 386 -32.40 4.63 14.76
CA SER B 386 -33.47 4.92 15.71
C SER B 386 -34.66 5.60 15.03
N ILE B 387 -34.45 6.25 13.88
CA ILE B 387 -35.55 6.90 13.19
C ILE B 387 -35.73 6.38 11.76
N ARG B 388 -35.44 5.11 11.53
CA ARG B 388 -35.57 4.59 10.20
C ARG B 388 -37.03 4.51 9.77
N GLU B 389 -37.92 4.62 10.74
CA GLU B 389 -39.34 4.53 10.44
C GLU B 389 -39.96 5.80 9.86
N ASP B 390 -39.24 6.91 9.99
CA ASP B 390 -39.68 8.20 9.47
C ASP B 390 -39.06 8.44 8.08
N LYS B 391 -39.59 7.76 7.07
CA LYS B 391 -39.05 7.89 5.72
C LYS B 391 -38.95 9.33 5.22
N GLU B 392 -39.64 10.25 5.86
CA GLU B 392 -39.58 11.64 5.43
C GLU B 392 -38.48 12.37 6.19
N ARG B 393 -38.41 12.17 7.50
CA ARG B 393 -37.35 12.80 8.26
C ARG B 393 -36.00 12.37 7.69
N LEU B 394 -35.95 11.15 7.13
CA LEU B 394 -34.69 10.64 6.56
C LEU B 394 -34.37 11.35 5.23
N PHE B 395 -35.32 11.33 4.30
CA PHE B 395 -35.14 11.99 3.00
C PHE B 395 -34.80 13.43 3.22
N SER B 396 -35.33 14.00 4.28
CA SER B 396 -35.04 15.38 4.57
C SER B 396 -33.57 15.45 4.94
N PHE B 397 -33.15 14.60 5.86
CA PHE B 397 -31.76 14.57 6.32
C PHE B 397 -30.70 14.45 5.22
N PHE B 398 -30.84 13.44 4.38
CA PHE B 398 -29.88 13.16 3.30
C PHE B 398 -30.07 13.93 1.98
N GLN B 399 -31.19 14.62 1.81
CA GLN B 399 -31.43 15.31 0.54
C GLN B 399 -30.24 16.13 0.04
N PRO B 400 -29.62 16.92 0.93
CA PRO B 400 -28.47 17.72 0.48
C PRO B 400 -27.32 16.93 -0.13
N VAL B 401 -26.86 15.87 0.53
CA VAL B 401 -25.77 15.07 -0.02
C VAL B 401 -26.25 14.36 -1.27
N LEU B 402 -27.50 13.91 -1.24
CA LEU B 402 -28.06 13.23 -2.39
C LEU B 402 -28.04 14.16 -3.58
N ASN B 403 -28.47 15.40 -3.38
CA ASN B 403 -28.47 16.39 -4.47
C ASN B 403 -27.05 16.67 -4.92
N LYS B 404 -26.20 17.04 -3.96
CA LYS B 404 -24.79 17.33 -4.22
C LYS B 404 -24.12 16.22 -5.06
N ILE B 405 -24.34 14.97 -4.66
CA ILE B 405 -23.79 13.84 -5.38
C ILE B 405 -24.34 13.84 -6.81
N MET B 406 -25.66 13.91 -6.94
CA MET B 406 -26.29 13.92 -8.27
C MET B 406 -25.78 15.09 -9.09
N LYS B 407 -25.51 16.23 -8.44
CA LYS B 407 -25.00 17.40 -9.14
C LYS B 407 -23.70 17.02 -9.83
N CYS B 408 -22.80 16.43 -9.06
CA CYS B 408 -21.51 16.02 -9.59
C CYS B 408 -21.61 14.85 -10.56
N LEU B 409 -22.68 14.07 -10.48
CA LEU B 409 -22.83 12.95 -11.40
C LEU B 409 -23.64 13.31 -12.64
N ASP B 410 -23.59 14.60 -13.01
CA ASP B 410 -24.29 15.15 -14.17
C ASP B 410 -25.81 14.91 -14.18
N SER B 411 -26.47 15.26 -13.07
CA SER B 411 -27.92 15.09 -12.93
C SER B 411 -28.51 16.20 -12.06
N GLU B 412 -29.80 16.45 -12.19
CA GLU B 412 -30.47 17.49 -11.40
C GLU B 412 -30.71 17.05 -9.96
N ASP B 413 -31.16 17.97 -9.11
CA ASP B 413 -31.46 17.64 -7.72
C ASP B 413 -32.39 16.44 -7.73
N VAL B 414 -32.73 15.91 -6.56
CA VAL B 414 -33.60 14.74 -6.49
C VAL B 414 -35.05 15.02 -6.06
N ILE B 415 -35.97 14.38 -6.76
CA ILE B 415 -37.41 14.51 -6.50
C ILE B 415 -37.96 13.38 -5.63
N ASP B 416 -38.38 13.70 -4.42
CA ASP B 416 -38.93 12.70 -3.50
C ASP B 416 -40.21 12.11 -4.06
N GLY B 417 -40.14 10.91 -4.62
CA GLY B 417 -41.32 10.28 -5.15
C GLY B 417 -41.59 8.97 -4.43
N MET B 418 -41.58 9.02 -3.10
CA MET B 418 -41.81 7.83 -2.30
C MET B 418 -43.28 7.39 -2.17
N ARG B 419 -44.17 8.37 -2.03
CA ARG B 419 -45.60 8.11 -1.89
C ARG B 419 -46.31 8.46 -3.18
N ALA B 427 -38.99 12.61 -18.22
CA ALA B 427 -38.78 12.88 -16.81
C ALA B 427 -37.33 12.63 -16.40
N ASN B 428 -36.43 13.43 -16.95
CA ASN B 428 -35.01 13.29 -16.67
C ASN B 428 -34.51 13.75 -15.30
N LYS B 429 -35.38 13.64 -14.29
CA LYS B 429 -34.99 14.03 -12.93
C LYS B 429 -34.86 12.75 -12.10
N PRO B 430 -33.94 12.74 -11.13
CA PRO B 430 -33.80 11.54 -10.32
C PRO B 430 -34.88 11.47 -9.24
N VAL B 431 -35.67 10.40 -9.26
CA VAL B 431 -36.73 10.25 -8.28
C VAL B 431 -36.44 9.17 -7.22
N LEU B 432 -36.56 9.57 -5.96
CA LEU B 432 -36.33 8.65 -4.86
C LEU B 432 -37.62 7.90 -4.56
N ARG B 433 -37.73 6.66 -5.03
CA ARG B 433 -38.93 5.86 -4.79
C ARG B 433 -38.99 5.26 -3.39
N ASN B 434 -37.86 4.81 -2.89
CA ASN B 434 -37.87 4.16 -1.59
C ASN B 434 -36.56 4.32 -0.83
N ILE B 435 -36.63 4.24 0.49
CA ILE B 435 -35.45 4.31 1.34
C ILE B 435 -35.48 3.14 2.34
N ILE B 436 -34.36 2.41 2.46
CA ILE B 436 -34.25 1.29 3.37
C ILE B 436 -33.12 1.58 4.34
N VAL B 437 -33.31 1.25 5.61
CA VAL B 437 -32.30 1.48 6.64
C VAL B 437 -32.01 0.17 7.35
N SER B 438 -30.84 0.05 7.96
CA SER B 438 -30.49 -1.15 8.68
C SER B 438 -31.02 -0.99 10.12
N ASN B 439 -31.16 -2.10 10.85
CA ASN B 439 -31.68 -2.06 12.23
C ASN B 439 -30.74 -2.77 13.22
N TRP B 440 -29.52 -3.03 12.80
CA TRP B 440 -28.55 -3.74 13.62
C TRP B 440 -28.36 -3.22 15.05
N THR B 441 -28.40 -1.91 15.25
CA THR B 441 -28.21 -1.36 16.59
C THR B 441 -29.42 -1.57 17.47
N ARG B 442 -30.60 -1.76 16.87
CA ARG B 442 -31.84 -1.94 17.60
C ARG B 442 -32.25 -3.40 17.79
N ASP B 443 -31.71 -4.26 16.93
CA ASP B 443 -31.96 -5.69 16.96
C ASP B 443 -31.37 -6.29 18.24
N PRO B 444 -32.21 -6.80 19.15
CA PRO B 444 -31.68 -7.36 20.40
C PRO B 444 -30.80 -8.57 20.17
N TYR B 445 -30.92 -9.17 19.00
CA TYR B 445 -30.15 -10.35 18.72
C TYR B 445 -28.85 -10.02 18.01
N SER B 446 -28.69 -8.73 17.70
CA SER B 446 -27.52 -8.20 17.00
C SER B 446 -26.69 -7.19 17.84
N ARG B 447 -27.34 -6.16 18.35
CA ARG B 447 -26.71 -5.12 19.18
C ARG B 447 -25.46 -4.47 18.59
N GLY B 448 -25.57 -4.05 17.33
CA GLY B 448 -24.44 -3.42 16.68
C GLY B 448 -24.13 -4.12 15.36
N ALA B 449 -23.12 -3.63 14.65
CA ALA B 449 -22.72 -4.22 13.38
C ALA B 449 -21.70 -5.36 13.56
N TYR B 450 -20.62 -5.10 14.28
CA TYR B 450 -19.58 -6.11 14.51
C TYR B 450 -18.46 -5.55 15.38
N SER B 451 -17.53 -6.43 15.76
CA SER B 451 -16.39 -6.07 16.61
C SER B 451 -15.56 -4.90 16.09
N ALA B 452 -15.10 -4.07 17.02
CA ALA B 452 -14.33 -2.90 16.68
C ALA B 452 -13.44 -2.49 17.84
N CYS B 453 -12.34 -1.80 17.55
CA CYS B 453 -11.43 -1.37 18.59
C CYS B 453 -11.42 0.12 18.93
N PHE B 454 -11.54 0.39 20.22
CA PHE B 454 -11.52 1.75 20.74
C PHE B 454 -10.07 1.95 21.16
N PRO B 455 -9.65 3.21 21.41
CA PRO B 455 -8.26 3.40 21.82
C PRO B 455 -7.91 2.60 23.07
N GLY B 456 -6.80 1.88 23.01
CA GLY B 456 -6.36 1.06 24.13
C GLY B 456 -6.94 -0.34 24.12
N ASP B 457 -7.42 -0.77 22.95
CA ASP B 457 -8.03 -2.09 22.80
C ASP B 457 -7.11 -3.20 22.29
N ASP B 458 -6.97 -4.24 23.10
CA ASP B 458 -6.17 -5.39 22.72
C ASP B 458 -7.17 -6.41 22.21
N PRO B 459 -7.51 -6.37 20.90
CA PRO B 459 -8.47 -7.31 20.34
C PRO B 459 -7.96 -8.75 20.38
N VAL B 460 -6.66 -8.90 20.65
CA VAL B 460 -6.05 -10.20 20.71
C VAL B 460 -6.59 -10.92 21.94
N ASP B 461 -6.97 -10.13 22.96
CA ASP B 461 -7.52 -10.67 24.21
C ASP B 461 -8.78 -11.53 24.03
N MET B 462 -9.81 -10.91 23.46
CA MET B 462 -11.08 -11.59 23.22
C MET B 462 -10.87 -12.85 22.37
N VAL B 463 -10.15 -12.70 21.26
CA VAL B 463 -9.89 -13.83 20.37
C VAL B 463 -9.31 -15.02 21.16
N VAL B 464 -8.33 -14.77 22.01
CA VAL B 464 -7.74 -15.84 22.81
C VAL B 464 -8.74 -16.45 23.79
N ALA B 465 -9.41 -15.65 24.60
CA ALA B 465 -10.37 -16.18 25.56
C ALA B 465 -11.46 -16.95 24.81
N MET B 466 -11.90 -16.37 23.71
CA MET B 466 -12.94 -16.99 22.90
C MET B 466 -12.49 -18.25 22.22
N SER B 467 -11.38 -18.21 21.50
CA SER B 467 -10.93 -19.41 20.80
C SER B 467 -10.54 -20.55 21.76
N ASN B 468 -10.37 -20.23 23.04
CA ASN B 468 -10.03 -21.26 24.01
C ASN B 468 -11.25 -21.81 24.75
N GLY B 469 -12.37 -21.09 24.68
CA GLY B 469 -13.63 -21.51 25.28
C GLY B 469 -13.86 -21.46 26.78
N GLN B 470 -15.11 -21.68 27.16
CA GLN B 470 -15.48 -21.70 28.58
C GLN B 470 -14.79 -22.90 29.21
N ASP B 471 -14.79 -24.01 28.49
CA ASP B 471 -14.14 -25.24 28.93
C ASP B 471 -14.19 -26.29 27.82
N SER B 472 -13.83 -27.51 28.17
CA SER B 472 -13.80 -28.61 27.21
C SER B 472 -15.06 -28.79 26.35
N ARG B 473 -16.22 -28.40 26.86
CA ARG B 473 -17.45 -28.61 26.09
C ARG B 473 -18.26 -27.37 25.71
N ILE B 474 -17.97 -26.24 26.32
CA ILE B 474 -18.67 -24.99 26.00
C ILE B 474 -17.68 -24.15 25.19
N ARG B 475 -17.85 -24.18 23.87
CA ARG B 475 -16.97 -23.50 22.94
C ARG B 475 -17.53 -22.22 22.31
N PHE B 476 -16.70 -21.52 21.54
CA PHE B 476 -17.12 -20.28 20.88
C PHE B 476 -16.63 -20.09 19.45
N ALA B 477 -17.52 -19.60 18.61
CA ALA B 477 -17.21 -19.30 17.22
C ALA B 477 -17.99 -18.05 16.91
N GLY B 478 -17.53 -17.30 15.92
CA GLY B 478 -18.17 -16.06 15.57
C GLY B 478 -17.07 -15.07 15.21
N GLU B 479 -17.42 -14.02 14.48
CA GLU B 479 -16.46 -13.01 14.04
C GLU B 479 -15.52 -12.46 15.10
N HIS B 480 -15.88 -12.63 16.36
CA HIS B 480 -15.02 -12.15 17.44
C HIS B 480 -14.12 -13.25 18.03
N THR B 481 -14.40 -14.50 17.69
CA THR B 481 -13.64 -15.60 18.24
C THR B 481 -12.44 -16.02 17.40
N ILE B 482 -12.10 -15.21 16.40
CA ILE B 482 -10.98 -15.54 15.52
C ILE B 482 -10.19 -14.29 15.16
N MET B 483 -8.92 -14.49 14.79
CA MET B 483 -8.06 -13.38 14.44
C MET B 483 -8.03 -13.10 12.95
N ASP B 484 -7.70 -14.11 12.16
CA ASP B 484 -7.67 -13.93 10.73
C ASP B 484 -9.05 -13.73 10.17
N GLY B 485 -9.30 -12.53 9.68
CA GLY B 485 -10.60 -12.19 9.15
C GLY B 485 -11.55 -11.89 10.30
N ALA B 486 -11.02 -11.31 11.37
CA ALA B 486 -11.85 -10.97 12.50
C ALA B 486 -12.82 -9.89 12.04
N GLY B 487 -14.06 -9.95 12.50
CA GLY B 487 -15.02 -8.95 12.09
C GLY B 487 -15.60 -9.27 10.74
N CYS B 488 -14.89 -10.05 9.94
CA CYS B 488 -15.37 -10.41 8.61
C CYS B 488 -16.22 -11.68 8.60
N ALA B 489 -17.04 -11.83 7.58
CA ALA B 489 -17.90 -13.00 7.47
C ALA B 489 -17.05 -14.25 7.35
N TYR B 490 -16.04 -14.22 6.50
CA TYR B 490 -15.22 -15.40 6.35
C TYR B 490 -14.49 -15.78 7.62
N GLY B 491 -14.31 -14.83 8.53
CA GLY B 491 -13.63 -15.17 9.76
C GLY B 491 -14.58 -15.98 10.64
N ALA B 492 -15.85 -15.57 10.63
CA ALA B 492 -16.89 -16.23 11.40
C ALA B 492 -17.07 -17.62 10.82
N TRP B 493 -16.89 -17.73 9.51
CA TRP B 493 -17.02 -18.97 8.77
C TRP B 493 -15.90 -19.88 9.25
N GLU B 494 -14.65 -19.41 9.16
CA GLU B 494 -13.55 -20.22 9.60
C GLU B 494 -13.73 -20.58 11.07
N SER B 495 -14.21 -19.66 11.87
CA SER B 495 -14.37 -19.98 13.28
C SER B 495 -15.34 -21.15 13.42
N GLY B 496 -16.33 -21.21 12.56
CA GLY B 496 -17.29 -22.29 12.64
C GLY B 496 -16.60 -23.58 12.26
N ARG B 497 -15.87 -23.57 11.15
CA ARG B 497 -15.17 -24.75 10.71
C ARG B 497 -14.27 -25.20 11.85
N ARG B 498 -13.58 -24.25 12.47
CA ARG B 498 -12.68 -24.58 13.55
C ARG B 498 -13.29 -25.35 14.70
N GLU B 499 -14.17 -24.71 15.46
CA GLU B 499 -14.79 -25.35 16.61
C GLU B 499 -15.39 -26.70 16.31
N ALA B 500 -15.99 -26.83 15.13
CA ALA B 500 -16.61 -28.09 14.74
C ALA B 500 -15.55 -29.16 14.49
N THR B 501 -14.52 -28.78 13.75
CA THR B 501 -13.43 -29.70 13.47
C THR B 501 -12.82 -30.25 14.76
N ARG B 502 -12.61 -29.37 15.74
CA ARG B 502 -12.04 -29.81 17.01
C ARG B 502 -12.98 -30.82 17.68
N ILE B 503 -14.28 -30.51 17.70
CA ILE B 503 -15.27 -31.41 18.30
C ILE B 503 -15.24 -32.73 17.55
N SER B 504 -15.18 -32.63 16.24
CA SER B 504 -15.13 -33.77 15.34
C SER B 504 -13.88 -34.62 15.62
N ASP B 505 -12.78 -33.96 15.95
CA ASP B 505 -11.53 -34.65 16.26
C ASP B 505 -11.68 -35.41 17.59
N LEU B 506 -12.29 -34.77 18.57
CA LEU B 506 -12.47 -35.39 19.87
C LEU B 506 -13.41 -36.57 19.78
N LEU B 507 -14.43 -36.47 18.94
CA LEU B 507 -15.36 -37.56 18.81
C LEU B 507 -14.73 -38.72 18.03
N LYS B 508 -13.62 -38.45 17.38
CA LYS B 508 -12.92 -39.46 16.57
C LYS B 508 -12.35 -40.55 17.47
N LEU B 509 -12.02 -40.19 18.71
CA LEU B 509 -11.46 -41.13 19.67
C LEU B 509 -12.50 -42.20 19.99
N GLU B 510 -13.76 -41.90 19.69
CA GLU B 510 -14.84 -42.83 19.95
C GLU B 510 -14.67 -44.18 19.29
N HIS B 511 -14.30 -44.17 18.01
CA HIS B 511 -14.11 -45.40 17.25
C HIS B 511 -12.69 -45.99 17.33
N HIS B 512 -12.09 -45.92 18.51
CA HIS B 512 -10.74 -46.46 18.73
C HIS B 512 -10.82 -47.75 19.56
N HIS B 513 -10.29 -48.85 19.03
CA HIS B 513 -10.30 -50.14 19.72
C HIS B 513 -9.63 -50.09 21.10
#